data_6BH8
#
_entry.id   6BH8
#
_cell.length_a   93.329
_cell.length_b   84.661
_cell.length_c   132.017
_cell.angle_alpha   90.000
_cell.angle_beta   96.260
_cell.angle_gamma   90.000
#
_symmetry.space_group_name_H-M   'P 1 21 1'
#
loop_
_entity.id
_entity.type
_entity.pdbx_description
1 polymer 'CAAX prenyl protease 1 homolog'
2 non-polymer 'ZINC ION'
3 non-polymer N-ALPHA-L-RHAMNOPYRANOSYLOXY(HYDROXYPHOSPHINYL)-L-LEUCYL-L-TRYPTOPHAN
4 non-polymer (HYDROXYETHYLOXY)TRI(ETHYLOXY)OCTANE
#
_entity_poly.entity_id   1
_entity_poly.type   'polypeptide(L)'
_entity_poly.pdbx_seq_one_letter_code
;MGMWASLDALWEMPAEKRIFGAVLLFSWTVYLWETFLAQRQRRIYKTTTHVPPELGQIMDSETFEKSRLYQLDKSTFSFW
SGLYSETEGTLILLFGGIPYLWRLSGRFCGYAGFGPEYEITQSLVFLLLATLFSALAGLPWSLYNTFVIEEKHGFNQQTL
GFFMKDAIKKFVVTQCILLPVSSLLLYIIKIGGDYFFIYAWLFTLVVSLVLVTIYADYIAPLFDKFTPLPEGKLKEEIEV
MAKSIDFPLTKVYVVEGSKRSSHSNAYFYGFFKNKRIVLFDTLLEEYSVLNKDIQEDSGMEPRNEEEGNSEEIKAKVKNK
KQGCKNEEVLAVLGHELGHWKLGHTVKNIIISQMNSFLCFFLFAVLIGRKELFAAFGFYDSQPTLIGLLIIFQFIFSPYN
EVLSFCLTVLSRRFEFQADAFAKKLGKAKDLYSALIKLNKDNLGFPVSDWLFSMWHYSHPPLLERLQALKTMKQHSGLEV
LFQ
;
_entity_poly.pdbx_strand_id   A,B
#
loop_
_chem_comp.id
_chem_comp.type
_chem_comp.name
_chem_comp.formula
C8E non-polymer (HYDROXYETHYLOXY)TRI(ETHYLOXY)OCTANE 'C16 H34 O5'
RDF peptide-like N-ALPHA-L-RHAMNOPYRANOSYLOXY(HYDROXYPHOSPHINYL)-L-LEUCYL-L-TRYPTOPHAN 'C23 H34 N3 O10 P'
ZN non-polymer 'ZINC ION' 'Zn 2'
#
# COMPACT_ATOMS: atom_id res chain seq x y z
N GLU A 16 30.19 15.16 56.69
CA GLU A 16 30.34 14.39 55.45
C GLU A 16 29.89 12.95 55.63
N LYS A 17 30.13 12.37 56.81
CA LYS A 17 29.68 11.01 57.09
C LYS A 17 28.20 10.94 57.31
N ARG A 18 27.61 11.94 57.96
CA ARG A 18 26.17 11.96 58.14
C ARG A 18 25.46 12.06 56.80
N ILE A 19 26.02 12.86 55.87
CA ILE A 19 25.41 13.03 54.56
C ILE A 19 25.45 11.73 53.78
N PHE A 20 26.64 11.15 53.65
CA PHE A 20 26.75 9.90 52.91
C PHE A 20 25.86 8.83 53.53
N GLY A 21 26.00 8.63 54.84
CA GLY A 21 25.22 7.61 55.50
C GLY A 21 23.71 7.80 55.30
N ALA A 22 23.25 9.06 55.32
CA ALA A 22 21.81 9.27 55.23
C ALA A 22 21.31 8.99 53.82
N VAL A 23 22.10 9.27 52.82
CA VAL A 23 21.68 8.97 51.46
C VAL A 23 21.60 7.45 51.29
N LEU A 24 22.59 6.75 51.82
CA LEU A 24 22.61 5.32 51.60
C LEU A 24 21.52 4.63 52.41
N LEU A 25 21.30 5.07 53.63
CA LEU A 25 20.24 4.49 54.43
C LEU A 25 18.86 4.81 53.88
N PHE A 26 18.68 6.00 53.31
CA PHE A 26 17.39 6.29 52.67
C PHE A 26 17.16 5.39 51.47
N SER A 27 18.20 5.17 50.68
CA SER A 27 18.12 4.25 49.56
C SER A 27 17.65 2.86 49.99
N TRP A 28 18.31 2.30 51.01
CA TRP A 28 17.96 0.98 51.50
C TRP A 28 16.56 0.96 52.04
N THR A 29 16.16 2.04 52.69
CA THR A 29 14.83 2.08 53.27
C THR A 29 13.76 2.05 52.19
N VAL A 30 13.91 2.88 51.17
CA VAL A 30 12.99 2.84 50.03
C VAL A 30 12.99 1.46 49.41
N TYR A 31 14.18 0.92 49.17
CA TYR A 31 14.25 -0.41 48.57
C TYR A 31 13.51 -1.45 49.40
N LEU A 32 13.66 -1.44 50.73
CA LEU A 32 12.92 -2.43 51.54
C LEU A 32 11.42 -2.16 51.49
N TRP A 33 11.01 -0.90 51.48
CA TRP A 33 9.59 -0.61 51.38
C TRP A 33 9.01 -1.11 50.06
N GLU A 34 9.76 -0.93 48.98
CA GLU A 34 9.26 -1.35 47.68
C GLU A 34 9.35 -2.85 47.49
N THR A 35 10.29 -3.52 48.18
CA THR A 35 10.35 -4.97 48.12
C THR A 35 9.17 -5.59 48.88
N PHE A 36 8.88 -5.03 50.03
CA PHE A 36 7.68 -5.36 50.78
C PHE A 36 6.41 -5.25 49.94
N LEU A 37 6.18 -4.08 49.33
CA LEU A 37 5.00 -3.89 48.48
C LEU A 37 4.97 -4.90 47.34
N ALA A 38 6.11 -5.09 46.67
CA ALA A 38 6.11 -5.99 45.54
C ALA A 38 5.73 -7.39 45.96
N GLN A 39 6.19 -7.83 47.15
CA GLN A 39 5.83 -9.14 47.67
C GLN A 39 4.34 -9.25 47.90
N ARG A 40 3.71 -8.19 48.38
CA ARG A 40 2.27 -8.30 48.59
C ARG A 40 1.53 -8.48 47.27
N GLN A 41 2.03 -7.85 46.21
CA GLN A 41 1.38 -7.98 44.91
C GLN A 41 1.69 -9.32 44.28
N ARG A 42 2.92 -9.80 44.44
CA ARG A 42 3.28 -11.10 43.92
C ARG A 42 2.44 -12.18 44.59
N ARG A 43 2.22 -12.05 45.89
CA ARG A 43 1.36 -12.98 46.61
C ARG A 43 -0.01 -13.07 45.95
N ILE A 44 -0.54 -11.94 45.50
CA ILE A 44 -1.86 -11.99 44.88
C ILE A 44 -1.81 -12.81 43.59
N TYR A 45 -0.76 -12.67 42.80
CA TYR A 45 -0.66 -13.47 41.60
C TYR A 45 -0.62 -14.94 41.93
N LYS A 46 0.02 -15.35 43.01
CA LYS A 46 0.10 -16.77 43.26
C LYS A 46 -1.10 -17.34 43.97
N THR A 47 -1.81 -16.46 44.64
CA THR A 47 -2.96 -16.81 45.46
C THR A 47 -4.27 -16.82 44.67
N THR A 48 -4.49 -15.81 43.84
CA THR A 48 -5.76 -15.58 43.18
C THR A 48 -5.77 -16.42 41.92
N THR A 49 -6.18 -17.68 42.07
CA THR A 49 -5.97 -18.66 41.03
C THR A 49 -7.23 -19.00 40.24
N HIS A 50 -8.41 -18.50 40.63
CA HIS A 50 -9.60 -18.54 39.80
C HIS A 50 -10.22 -17.15 39.74
N VAL A 51 -11.04 -16.92 38.72
CA VAL A 51 -11.65 -15.60 38.56
C VAL A 51 -12.53 -15.30 39.75
N PRO A 52 -12.37 -14.17 40.43
CA PRO A 52 -13.32 -13.79 41.48
C PRO A 52 -14.71 -13.57 40.91
N PRO A 53 -15.74 -13.50 41.75
CA PRO A 53 -17.09 -13.24 41.23
C PRO A 53 -17.33 -11.79 40.86
N GLU A 54 -16.55 -10.85 41.40
CA GLU A 54 -16.64 -9.46 40.97
C GLU A 54 -16.15 -9.28 39.52
N LEU A 55 -15.85 -10.40 38.83
CA LEU A 55 -15.13 -10.33 37.57
C LEU A 55 -15.55 -11.39 36.56
N GLY A 56 -16.63 -12.15 36.79
CA GLY A 56 -17.02 -13.15 35.81
C GLY A 56 -17.26 -12.59 34.43
N GLN A 57 -17.88 -11.42 34.36
CA GLN A 57 -18.19 -10.76 33.10
C GLN A 57 -17.00 -10.03 32.47
N ILE A 58 -15.84 -9.98 33.13
CA ILE A 58 -14.74 -9.14 32.70
C ILE A 58 -13.57 -9.91 32.10
N MET A 59 -13.35 -11.16 32.51
CA MET A 59 -12.31 -12.01 31.94
C MET A 59 -12.78 -13.46 31.98
N ASP A 60 -12.50 -14.21 30.93
CA ASP A 60 -12.72 -15.64 30.95
C ASP A 60 -11.50 -16.34 31.55
N TYR A 100 35.95 7.54 40.80
CA TYR A 100 36.78 6.76 39.89
C TYR A 100 36.50 7.11 38.42
N LEU A 101 35.21 7.13 38.04
CA LEU A 101 34.87 7.38 36.64
C LEU A 101 35.27 8.80 36.25
N TRP A 102 35.08 9.76 37.16
CA TRP A 102 35.59 11.12 37.00
C TRP A 102 37.09 11.12 36.69
N ARG A 103 37.90 10.49 37.55
CA ARG A 103 39.34 10.49 37.30
C ARG A 103 39.68 9.78 36.00
N LEU A 104 38.92 8.74 35.68
CA LEU A 104 39.11 8.05 34.40
C LEU A 104 38.82 8.95 33.22
N SER A 105 37.82 9.83 33.37
CA SER A 105 37.49 10.76 32.30
C SER A 105 38.59 11.80 32.13
N GLY A 106 39.15 12.28 33.25
CA GLY A 106 40.34 13.14 33.18
C GLY A 106 41.48 12.48 32.44
N ARG A 107 41.68 11.20 32.67
CA ARG A 107 42.77 10.48 32.00
C ARG A 107 42.59 10.48 30.49
N PHE A 108 41.36 10.28 30.02
CA PHE A 108 41.13 10.39 28.58
C PHE A 108 41.41 11.79 28.09
N CYS A 109 41.09 12.80 28.91
CA CYS A 109 41.25 14.19 28.49
C CYS A 109 42.73 14.55 28.32
N GLY A 110 43.59 14.07 29.22
CA GLY A 110 44.99 14.45 29.20
C GLY A 110 45.83 13.68 28.20
N TYR A 111 45.36 12.53 27.74
CA TYR A 111 46.04 11.86 26.65
C TYR A 111 45.58 12.40 25.30
N ALA A 112 44.54 13.23 25.27
CA ALA A 112 44.17 14.00 24.10
C ALA A 112 44.69 15.44 24.16
N GLY A 113 45.42 15.82 25.20
CA GLY A 113 46.01 17.13 25.30
C GLY A 113 45.21 18.15 26.07
N PHE A 114 44.21 17.71 26.83
CA PHE A 114 43.36 18.58 27.63
C PHE A 114 43.68 18.35 29.09
N GLY A 115 44.07 19.41 29.77
CA GLY A 115 44.42 19.31 31.16
C GLY A 115 43.21 19.57 32.03
N PRO A 116 43.40 19.46 33.35
CA PRO A 116 42.26 19.56 34.27
C PRO A 116 41.54 20.88 34.23
N GLU A 117 42.17 21.94 33.74
CA GLU A 117 41.48 23.22 33.70
C GLU A 117 40.24 23.14 32.82
N TYR A 118 40.21 22.18 31.88
CA TYR A 118 39.09 21.95 30.98
C TYR A 118 38.06 21.05 31.66
N GLU A 119 37.33 21.66 32.60
CA GLU A 119 36.38 20.94 33.41
C GLU A 119 35.15 20.52 32.60
N ILE A 120 34.54 21.43 31.85
CA ILE A 120 33.38 21.04 31.05
C ILE A 120 33.74 19.89 30.11
N THR A 121 34.91 19.97 29.47
CA THR A 121 35.33 18.88 28.60
C THR A 121 35.34 17.55 29.36
N GLN A 122 35.98 17.53 30.54
CA GLN A 122 36.03 16.33 31.34
C GLN A 122 34.63 15.90 31.76
N SER A 123 33.79 16.87 32.11
CA SER A 123 32.38 16.58 32.41
C SER A 123 31.66 15.91 31.24
N LEU A 124 31.97 16.29 30.01
CA LEU A 124 31.24 15.70 28.89
C LEU A 124 31.70 14.27 28.67
N VAL A 125 33.00 14.02 28.86
CA VAL A 125 33.53 12.65 28.84
C VAL A 125 32.84 11.80 29.92
N PHE A 126 32.74 12.33 31.13
CA PHE A 126 32.05 11.64 32.22
C PHE A 126 30.60 11.35 31.85
N LEU A 127 29.91 12.33 31.28
CA LEU A 127 28.53 12.11 30.83
C LEU A 127 28.44 10.99 29.81
N LEU A 128 29.39 10.94 28.88
CA LEU A 128 29.37 9.86 27.91
C LEU A 128 29.58 8.51 28.57
N LEU A 129 30.62 8.38 29.39
CA LEU A 129 30.95 7.09 30.02
C LEU A 129 29.87 6.64 30.99
N ALA A 130 29.31 7.57 31.77
CA ALA A 130 28.27 7.23 32.73
C ALA A 130 27.04 6.70 32.03
N THR A 131 26.62 7.36 30.96
CA THR A 131 25.47 6.87 30.20
C THR A 131 25.80 5.58 29.46
N LEU A 132 27.03 5.44 28.96
CA LEU A 132 27.40 4.17 28.35
C LEU A 132 27.37 3.03 29.38
N PHE A 133 28.01 3.22 30.53
CA PHE A 133 27.99 2.23 31.59
C PHE A 133 26.58 1.81 31.93
N SER A 134 25.72 2.78 32.18
CA SER A 134 24.35 2.45 32.49
C SER A 134 23.66 1.73 31.30
N ALA A 135 23.94 2.18 30.06
CA ALA A 135 23.37 1.48 28.91
C ALA A 135 23.85 0.05 28.85
N LEU A 136 25.13 -0.17 29.10
CA LEU A 136 25.66 -1.52 29.02
C LEU A 136 25.13 -2.39 30.16
N ALA A 137 25.05 -1.88 31.39
CA ALA A 137 24.59 -2.77 32.44
C ALA A 137 23.09 -3.03 32.33
N GLY A 138 22.34 -2.16 31.69
CA GLY A 138 20.93 -2.43 31.44
C GLY A 138 20.67 -3.45 30.35
N LEU A 139 21.67 -3.72 29.51
CA LEU A 139 21.42 -4.49 28.28
C LEU A 139 21.06 -5.94 28.56
N PRO A 140 21.79 -6.67 29.41
CA PRO A 140 21.39 -8.05 29.70
C PRO A 140 19.95 -8.16 30.17
N TRP A 141 19.54 -7.24 31.02
CA TRP A 141 18.18 -7.27 31.54
C TRP A 141 17.15 -6.99 30.46
N SER A 142 17.38 -5.97 29.64
CA SER A 142 16.45 -5.64 28.56
C SER A 142 16.35 -6.75 27.53
N LEU A 143 17.46 -7.40 27.22
CA LEU A 143 17.42 -8.55 26.30
C LEU A 143 16.59 -9.68 26.89
N TYR A 144 16.82 -10.00 28.17
CA TYR A 144 16.05 -11.06 28.78
C TYR A 144 14.58 -10.74 28.81
N ASN A 145 14.22 -9.50 29.13
CA ASN A 145 12.80 -9.14 29.17
C ASN A 145 12.17 -9.23 27.79
N THR A 146 12.90 -8.79 26.77
CA THR A 146 12.33 -8.77 25.43
C THR A 146 12.29 -10.17 24.82
N PHE A 147 13.40 -10.90 24.90
CA PHE A 147 13.53 -12.13 24.14
C PHE A 147 13.23 -13.39 24.96
N VAL A 148 13.03 -13.28 26.27
CA VAL A 148 12.55 -14.42 27.05
C VAL A 148 11.13 -14.14 27.52
N ILE A 149 10.96 -13.10 28.36
CA ILE A 149 9.64 -12.91 28.98
C ILE A 149 8.62 -12.57 27.91
N GLU A 150 8.90 -11.52 27.13
CA GLU A 150 7.94 -11.04 26.14
C GLU A 150 7.75 -12.05 25.03
N GLU A 151 8.81 -12.78 24.66
CA GLU A 151 8.70 -13.81 23.64
C GLU A 151 7.80 -14.93 24.15
N LYS A 152 8.05 -15.37 25.39
CA LYS A 152 7.34 -16.49 25.97
C LYS A 152 5.84 -16.22 26.05
N HIS A 153 5.44 -15.01 26.39
CA HIS A 153 4.02 -14.75 26.54
C HIS A 153 3.34 -14.18 25.29
N GLY A 154 4.03 -14.16 24.15
CA GLY A 154 3.41 -13.89 22.86
C GLY A 154 3.44 -12.46 22.36
N PHE A 155 4.16 -11.57 23.04
CA PHE A 155 4.15 -10.15 22.70
C PHE A 155 5.30 -9.70 21.81
N ASN A 156 6.49 -10.23 21.94
CA ASN A 156 7.63 -9.67 21.21
C ASN A 156 7.43 -9.94 19.73
N GLN A 157 7.73 -8.94 18.91
CA GLN A 157 7.71 -9.10 17.47
C GLN A 157 9.04 -8.82 16.82
N GLN A 158 10.08 -8.45 17.56
CA GLN A 158 11.29 -8.00 16.91
C GLN A 158 12.39 -9.04 16.97
N THR A 159 13.31 -8.93 16.02
CA THR A 159 14.53 -9.73 16.02
C THR A 159 15.63 -9.07 16.86
N LEU A 160 16.68 -9.83 17.10
CA LEU A 160 17.78 -9.31 17.85
C LEU A 160 18.46 -8.19 17.08
N GLY A 161 18.51 -8.32 15.75
CA GLY A 161 19.16 -7.30 14.94
C GLY A 161 18.42 -5.98 14.98
N PHE A 162 17.10 -6.03 14.94
CA PHE A 162 16.29 -4.83 15.14
C PHE A 162 16.54 -4.24 16.50
N PHE A 163 16.61 -5.09 17.52
CA PHE A 163 16.77 -4.63 18.89
C PHE A 163 18.07 -3.88 19.07
N MET A 164 19.18 -4.42 18.52
CA MET A 164 20.48 -3.79 18.66
C MET A 164 20.59 -2.54 17.78
N LYS A 165 20.08 -2.59 16.55
CA LYS A 165 20.05 -1.39 15.74
C LYS A 165 19.35 -0.27 16.50
N ASP A 166 18.17 -0.58 17.04
CA ASP A 166 17.39 0.37 17.79
C ASP A 166 18.17 0.92 18.98
N ALA A 167 18.86 0.06 19.72
CA ALA A 167 19.53 0.48 20.96
C ALA A 167 20.67 1.44 20.68
N ILE A 168 21.47 1.13 19.68
CA ILE A 168 22.57 2.00 19.28
C ILE A 168 22.05 3.36 18.80
N LYS A 169 20.98 3.37 17.98
CA LYS A 169 20.44 4.61 17.47
C LYS A 169 19.91 5.48 18.60
N LYS A 170 19.20 4.88 19.53
CA LYS A 170 18.71 5.65 20.66
C LYS A 170 19.89 6.21 21.46
N PHE A 171 20.97 5.43 21.62
CA PHE A 171 22.10 5.92 22.40
C PHE A 171 22.82 7.08 21.70
N VAL A 172 23.04 6.95 20.38
CA VAL A 172 23.67 7.99 19.58
C VAL A 172 22.83 9.25 19.59
N VAL A 173 21.54 9.13 19.31
CA VAL A 173 20.72 10.33 19.24
C VAL A 173 20.70 11.04 20.58
N THR A 174 20.63 10.27 21.65
CA THR A 174 20.71 10.84 22.98
C THR A 174 21.97 11.67 23.17
N GLN A 175 23.11 11.15 22.71
CA GLN A 175 24.36 11.86 22.92
C GLN A 175 24.41 13.10 22.07
N CYS A 176 23.86 13.02 20.85
CA CYS A 176 23.87 14.18 19.96
C CYS A 176 23.15 15.36 20.59
N ILE A 177 22.10 15.10 21.34
CA ILE A 177 21.41 16.18 22.02
C ILE A 177 22.02 16.48 23.38
N LEU A 178 22.37 15.42 24.12
CA LEU A 178 22.72 15.58 25.52
C LEU A 178 23.97 16.40 25.69
N LEU A 179 25.03 16.07 24.94
CA LEU A 179 26.33 16.70 25.19
C LEU A 179 26.33 18.17 24.84
N PRO A 180 25.89 18.61 23.66
CA PRO A 180 25.87 20.05 23.42
C PRO A 180 25.03 20.81 24.43
N VAL A 181 23.85 20.31 24.72
CA VAL A 181 22.98 20.96 25.70
C VAL A 181 23.67 21.01 27.06
N SER A 182 24.41 19.94 27.41
CA SER A 182 25.11 19.89 28.70
C SER A 182 26.26 20.87 28.74
N SER A 183 27.01 21.02 27.65
CA SER A 183 28.09 21.99 27.69
C SER A 183 27.56 23.39 27.96
N LEU A 184 26.41 23.74 27.37
CA LEU A 184 25.87 25.09 27.53
C LEU A 184 25.30 25.31 28.91
N LEU A 185 24.51 24.35 29.39
CA LEU A 185 23.93 24.47 30.73
C LEU A 185 25.02 24.62 31.77
N LEU A 186 26.12 23.87 31.62
CA LEU A 186 27.22 23.97 32.58
C LEU A 186 27.89 25.33 32.47
N TYR A 187 28.03 25.83 31.25
CA TYR A 187 28.59 27.16 31.06
C TYR A 187 27.70 28.21 31.70
N ILE A 188 26.42 28.15 31.43
CA ILE A 188 25.50 29.10 32.03
C ILE A 188 25.65 29.06 33.53
N ILE A 189 25.67 27.87 34.12
CA ILE A 189 25.81 27.81 35.57
C ILE A 189 27.07 28.55 36.01
N LYS A 190 28.19 28.26 35.37
CA LYS A 190 29.45 28.88 35.75
C LYS A 190 29.46 30.40 35.60
N ILE A 191 28.76 30.96 34.60
CA ILE A 191 28.92 32.36 34.22
C ILE A 191 27.81 33.28 34.77
N GLY A 192 26.71 32.75 35.31
CA GLY A 192 25.72 33.63 35.93
C GLY A 192 25.16 33.50 37.33
N GLY A 193 26.00 33.70 38.33
CA GLY A 193 25.49 33.95 39.67
C GLY A 193 25.57 35.42 40.02
N ASP A 194 25.02 35.85 41.15
CA ASP A 194 24.43 34.98 42.12
C ASP A 194 23.08 34.49 41.68
N TYR A 195 22.58 34.93 40.52
CA TYR A 195 21.28 34.50 40.02
C TYR A 195 21.40 33.52 38.86
N PHE A 196 22.52 32.82 38.75
CA PHE A 196 22.71 31.86 37.67
C PHE A 196 21.52 30.89 37.56
N PHE A 197 20.86 30.57 38.70
CA PHE A 197 19.84 29.53 38.67
C PHE A 197 18.59 29.94 37.90
N ILE A 198 18.32 31.23 37.77
CA ILE A 198 17.21 31.66 36.92
C ILE A 198 17.51 31.38 35.46
N TYR A 199 18.74 31.65 35.03
CA TYR A 199 19.12 31.43 33.64
C TYR A 199 19.30 29.94 33.34
N ALA A 200 19.79 29.19 34.32
CA ALA A 200 19.80 27.73 34.23
C ALA A 200 18.40 27.19 34.03
N TRP A 201 17.45 27.68 34.83
CA TRP A 201 16.08 27.25 34.72
C TRP A 201 15.48 27.63 33.38
N LEU A 202 15.67 28.89 32.97
CA LEU A 202 15.13 29.36 31.70
C LEU A 202 15.71 28.57 30.53
N PHE A 203 17.01 28.31 30.55
CA PHE A 203 17.59 27.52 29.46
C PHE A 203 16.97 26.13 29.41
N THR A 204 16.77 25.46 30.56
CA THR A 204 16.23 24.12 30.48
C THR A 204 14.78 24.14 30.02
N LEU A 205 14.04 25.18 30.41
CA LEU A 205 12.69 25.35 29.88
C LEU A 205 12.67 25.46 28.35
N VAL A 206 13.60 26.23 27.79
CA VAL A 206 13.63 26.47 26.35
C VAL A 206 14.06 25.22 25.63
N VAL A 207 15.05 24.53 26.15
CA VAL A 207 15.46 23.26 25.58
C VAL A 207 14.29 22.29 25.61
N SER A 208 13.59 22.22 26.75
CA SER A 208 12.47 21.32 26.87
C SER A 208 11.39 21.64 25.85
N LEU A 209 11.12 22.93 25.67
CA LEU A 209 10.13 23.38 24.70
C LEU A 209 10.54 23.03 23.26
N VAL A 210 11.79 23.33 22.90
CA VAL A 210 12.26 22.98 21.56
C VAL A 210 12.10 21.50 21.32
N LEU A 211 12.67 20.68 22.21
CA LEU A 211 12.64 19.22 22.06
C LEU A 211 11.24 18.72 21.87
N VAL A 212 10.31 19.21 22.68
CA VAL A 212 8.96 18.71 22.56
C VAL A 212 8.34 19.18 21.24
N THR A 213 8.75 20.34 20.75
CA THR A 213 8.18 20.89 19.52
C THR A 213 8.71 20.18 18.30
N ILE A 214 9.98 19.77 18.30
CA ILE A 214 10.51 19.05 17.14
C ILE A 214 10.38 17.54 17.19
N TYR A 215 9.98 16.96 18.32
CA TYR A 215 10.08 15.51 18.47
C TYR A 215 9.25 14.79 17.41
N ALA A 216 8.00 15.18 17.24
CA ALA A 216 7.12 14.47 16.31
C ALA A 216 7.72 14.34 14.90
N ASP A 217 8.23 15.45 14.33
CA ASP A 217 8.67 15.45 12.94
C ASP A 217 10.08 14.95 12.73
N TYR A 218 10.97 15.16 13.69
CA TYR A 218 12.39 15.05 13.47
C TYR A 218 13.09 13.97 14.30
N ILE A 219 12.50 13.51 15.39
CA ILE A 219 13.12 12.47 16.22
C ILE A 219 12.31 11.16 16.16
N ALA A 220 11.03 11.22 16.47
CA ALA A 220 10.18 10.01 16.43
C ALA A 220 10.28 9.20 15.15
N PRO A 221 10.33 9.78 13.94
CA PRO A 221 10.38 8.93 12.73
C PRO A 221 11.70 8.21 12.53
N LEU A 222 12.73 8.54 13.29
CA LEU A 222 13.95 7.76 13.28
C LEU A 222 13.75 6.36 13.89
N PHE A 223 12.76 6.22 14.75
CA PHE A 223 12.57 5.00 15.53
C PHE A 223 11.29 4.23 15.24
N ASP A 224 10.34 4.82 14.53
CA ASP A 224 9.07 4.16 14.29
C ASP A 224 8.48 4.63 12.98
N LYS A 225 7.65 3.80 12.39
CA LYS A 225 6.99 4.10 11.12
C LYS A 225 5.62 4.69 11.40
N PHE A 226 5.37 5.88 10.87
CA PHE A 226 4.07 6.54 11.01
C PHE A 226 3.43 6.62 9.65
N THR A 227 2.13 6.36 9.57
CA THR A 227 1.39 6.42 8.31
C THR A 227 0.03 7.02 8.57
N PRO A 228 -0.55 7.75 7.61
CA PRO A 228 -1.88 8.31 7.82
C PRO A 228 -2.92 7.23 8.00
N LEU A 229 -3.88 7.51 8.86
CA LEU A 229 -4.99 6.60 9.05
C LEU A 229 -5.71 6.49 7.70
N PRO A 230 -6.09 5.30 7.25
CA PRO A 230 -6.74 5.20 5.94
C PRO A 230 -8.15 5.77 5.98
N GLU A 231 -8.62 6.20 4.80
CA GLU A 231 -9.98 6.69 4.70
C GLU A 231 -10.91 5.57 5.10
N GLY A 232 -11.94 5.92 5.86
CA GLY A 232 -12.97 4.97 6.19
C GLY A 232 -13.86 5.54 7.26
N LYS A 233 -14.68 4.66 7.85
CA LYS A 233 -15.65 5.06 8.86
C LYS A 233 -15.00 5.57 10.14
N LEU A 234 -13.85 5.01 10.55
CA LEU A 234 -13.22 5.51 11.79
C LEU A 234 -12.63 6.91 11.57
N LYS A 235 -11.93 7.12 10.48
CA LYS A 235 -11.39 8.46 10.24
C LYS A 235 -12.46 9.55 10.32
N GLU A 236 -13.67 9.26 9.82
CA GLU A 236 -14.69 10.30 9.79
C GLU A 236 -15.32 10.52 11.16
N GLU A 237 -15.53 9.46 11.94
CA GLU A 237 -16.11 9.69 13.26
C GLU A 237 -15.15 10.43 14.18
N ILE A 238 -13.85 10.20 14.03
CA ILE A 238 -12.85 10.96 14.79
C ILE A 238 -12.98 12.45 14.51
N GLU A 239 -13.09 12.81 13.23
CA GLU A 239 -13.25 14.20 12.80
C GLU A 239 -14.52 14.83 13.40
N VAL A 240 -15.64 14.10 13.34
CA VAL A 240 -16.88 14.57 13.96
C VAL A 240 -16.66 14.84 15.44
N MET A 241 -16.11 13.86 16.16
CA MET A 241 -15.91 14.03 17.58
C MET A 241 -15.01 15.22 17.87
N ALA A 242 -13.90 15.35 17.13
CA ALA A 242 -12.97 16.45 17.37
C ALA A 242 -13.66 17.80 17.19
N LYS A 243 -14.38 17.98 16.08
CA LYS A 243 -15.20 19.19 15.93
C LYS A 243 -16.13 19.38 17.12
N SER A 244 -16.86 18.32 17.49
CA SER A 244 -17.84 18.43 18.56
C SER A 244 -17.28 19.10 19.82
N ILE A 245 -15.98 18.96 20.07
CA ILE A 245 -15.38 19.58 21.26
C ILE A 245 -14.45 20.71 20.89
N ASP A 246 -14.52 21.21 19.67
CA ASP A 246 -13.65 22.29 19.22
C ASP A 246 -12.20 21.88 19.25
N PHE A 247 -11.92 20.59 19.13
CA PHE A 247 -10.54 20.15 19.05
C PHE A 247 -10.06 20.39 17.62
N PRO A 248 -9.02 21.22 17.40
CA PRO A 248 -8.52 21.53 16.05
C PRO A 248 -7.73 20.38 15.44
N LEU A 249 -8.39 19.24 15.28
CA LEU A 249 -7.74 18.07 14.71
C LEU A 249 -7.15 18.38 13.34
N THR A 250 -5.91 17.95 13.16
CA THR A 250 -5.21 18.15 11.89
C THR A 250 -5.12 16.83 11.09
N LYS A 251 -4.34 15.86 11.55
CA LYS A 251 -4.16 14.61 10.85
C LYS A 251 -4.16 13.47 11.87
N VAL A 252 -4.66 12.32 11.46
CA VAL A 252 -4.64 11.11 12.28
C VAL A 252 -3.61 10.19 11.67
N TYR A 253 -2.69 9.72 12.49
CA TYR A 253 -1.62 8.84 12.06
C TYR A 253 -1.75 7.54 12.86
N VAL A 254 -1.20 6.46 12.27
CA VAL A 254 -1.07 5.16 12.90
C VAL A 254 0.41 4.87 12.97
N VAL A 255 0.89 4.54 14.16
CA VAL A 255 2.28 4.16 14.37
C VAL A 255 2.33 2.65 14.37
N GLU A 256 3.27 2.10 13.61
CA GLU A 256 3.37 0.66 13.47
C GLU A 256 4.13 0.10 14.68
N GLY A 257 3.48 0.18 15.84
CA GLY A 257 3.98 -0.45 17.05
C GLY A 257 4.25 -1.96 16.93
N SER A 258 3.44 -2.64 16.11
CA SER A 258 3.61 -4.06 15.84
C SER A 258 4.98 -4.43 15.26
N LYS A 259 5.76 -3.48 14.79
CA LYS A 259 7.17 -3.79 14.47
C LYS A 259 7.95 -4.21 15.70
N ARG A 260 7.51 -3.77 16.87
CA ARG A 260 8.17 -4.07 18.14
C ARG A 260 7.43 -5.13 18.97
N SER A 261 6.11 -5.02 19.06
CA SER A 261 5.35 -5.66 20.11
C SER A 261 3.87 -5.66 19.71
N SER A 262 3.13 -6.67 20.18
CA SER A 262 1.67 -6.62 19.98
C SER A 262 0.96 -5.83 21.07
N HIS A 263 1.66 -5.38 22.09
CA HIS A 263 1.08 -4.52 23.12
C HIS A 263 0.42 -3.31 22.48
N SER A 264 -0.59 -2.77 23.13
CA SER A 264 -1.30 -1.60 22.62
C SER A 264 -1.30 -0.47 23.64
N ASN A 265 -1.36 0.76 23.16
CA ASN A 265 -1.37 1.94 24.03
C ASN A 265 -1.63 3.20 23.22
N ALA A 266 -2.60 3.98 23.66
CA ALA A 266 -2.95 5.23 22.98
C ALA A 266 -2.18 6.41 23.55
N TYR A 267 -1.76 7.32 22.68
CA TYR A 267 -1.01 8.50 23.09
C TYR A 267 -1.94 9.70 23.29
N PHE A 268 -1.39 10.77 23.87
CA PHE A 268 -2.17 11.97 24.12
C PHE A 268 -2.28 12.83 22.86
N LYS A 275 -3.76 19.70 17.16
CA LYS A 275 -2.54 18.94 16.98
C LYS A 275 -2.90 17.62 16.28
N ARG A 276 -1.96 16.69 16.29
CA ARG A 276 -2.11 15.39 15.69
C ARG A 276 -2.64 14.37 16.68
N ILE A 277 -3.30 13.36 16.16
CA ILE A 277 -3.63 12.17 16.91
C ILE A 277 -2.79 11.03 16.35
N VAL A 278 -2.16 10.26 17.23
CA VAL A 278 -1.41 9.06 16.85
C VAL A 278 -2.04 7.86 17.54
N LEU A 279 -2.31 6.80 16.78
CA LEU A 279 -2.92 5.58 17.30
C LEU A 279 -2.00 4.42 16.99
N PHE A 280 -1.71 3.58 17.97
CA PHE A 280 -1.05 2.32 17.71
C PHE A 280 -1.91 1.45 16.81
N ASP A 281 -1.26 0.73 15.87
CA ASP A 281 -1.95 -0.15 14.96
C ASP A 281 -2.51 -1.37 15.70
N THR A 282 -1.84 -1.80 16.77
CA THR A 282 -2.30 -2.85 17.65
C THR A 282 -3.54 -2.43 18.47
N LEU A 283 -3.90 -1.17 18.45
CA LEU A 283 -5.13 -0.79 19.11
C LEU A 283 -6.34 -0.97 18.18
N GLY A 323 -6.98 -5.63 19.23
CA GLY A 323 -7.50 -4.32 18.94
C GLY A 323 -8.96 -4.19 19.30
N CYS A 324 -9.44 -2.96 19.14
CA CYS A 324 -10.79 -2.57 19.50
C CYS A 324 -11.57 -2.20 18.23
N LYS A 325 -12.87 -2.53 18.22
CA LYS A 325 -13.68 -2.05 17.12
C LYS A 325 -13.79 -0.52 17.20
N ASN A 326 -14.34 0.07 16.12
CA ASN A 326 -14.25 1.51 15.90
C ASN A 326 -14.90 2.28 17.03
N GLU A 327 -16.05 1.80 17.53
CA GLU A 327 -16.72 2.59 18.56
C GLU A 327 -15.92 2.57 19.86
N GLU A 328 -15.06 1.59 20.03
CA GLU A 328 -14.24 1.54 21.22
C GLU A 328 -13.04 2.47 21.07
N VAL A 329 -12.44 2.52 19.88
CA VAL A 329 -11.32 3.43 19.66
C VAL A 329 -11.76 4.86 19.92
N LEU A 330 -13.01 5.15 19.66
CA LEU A 330 -13.54 6.49 19.72
C LEU A 330 -13.74 6.91 21.16
N ALA A 331 -14.17 5.97 21.99
CA ALA A 331 -14.35 6.28 23.41
C ALA A 331 -13.01 6.51 24.10
N VAL A 332 -11.99 5.77 23.70
CA VAL A 332 -10.62 5.92 24.19
C VAL A 332 -10.07 7.26 23.73
N LEU A 333 -10.34 7.61 22.49
CA LEU A 333 -10.02 8.97 22.04
C LEU A 333 -10.80 10.00 22.85
N GLY A 334 -12.09 9.75 23.08
CA GLY A 334 -12.82 10.64 23.96
C GLY A 334 -12.09 10.90 25.26
N HIS A 335 -11.61 9.82 25.90
CA HIS A 335 -10.81 9.93 27.12
C HIS A 335 -9.56 10.75 26.89
N GLU A 336 -8.78 10.39 25.87
CA GLU A 336 -7.56 11.11 25.55
C GLU A 336 -7.83 12.60 25.45
N LEU A 337 -8.83 12.96 24.64
CA LEU A 337 -9.20 14.36 24.46
C LEU A 337 -9.67 15.00 25.73
N GLY A 338 -10.15 14.23 26.69
CA GLY A 338 -10.44 14.79 28.00
C GLY A 338 -9.20 15.37 28.68
N HIS A 339 -8.04 14.75 28.48
CA HIS A 339 -6.83 15.31 29.06
C HIS A 339 -6.56 16.70 28.47
N TRP A 340 -7.01 16.94 27.24
CA TRP A 340 -6.84 18.24 26.60
C TRP A 340 -7.89 19.24 27.07
N LYS A 341 -9.16 18.88 26.98
CA LYS A 341 -10.22 19.80 27.38
C LYS A 341 -10.12 20.20 28.83
N LEU A 342 -9.74 19.26 29.70
CA LEU A 342 -9.69 19.57 31.12
C LEU A 342 -8.38 20.25 31.51
N GLY A 343 -7.45 20.43 30.58
CA GLY A 343 -6.22 21.14 30.82
C GLY A 343 -5.20 20.37 31.65
N HIS A 344 -5.32 19.04 31.69
CA HIS A 344 -4.39 18.23 32.46
C HIS A 344 -2.97 18.37 31.93
N THR A 345 -2.83 18.42 30.61
CA THR A 345 -1.50 18.55 30.03
C THR A 345 -0.87 19.86 30.42
N VAL A 346 -1.66 20.91 30.57
CA VAL A 346 -1.10 22.21 30.91
C VAL A 346 -0.70 22.21 32.36
N LYS A 347 -1.51 21.58 33.21
CA LYS A 347 -1.19 21.45 34.61
C LYS A 347 0.09 20.68 34.82
N ASN A 348 0.30 19.59 34.05
CA ASN A 348 1.54 18.82 34.18
C ASN A 348 2.75 19.64 33.78
N ILE A 349 2.63 20.47 32.74
CA ILE A 349 3.75 21.29 32.29
C ILE A 349 4.10 22.31 33.35
N ILE A 350 3.07 22.94 33.93
CA ILE A 350 3.31 23.93 34.96
C ILE A 350 3.94 23.29 36.18
N ILE A 351 3.45 22.13 36.58
CA ILE A 351 4.05 21.46 37.74
C ILE A 351 5.52 21.19 37.48
N SER A 352 5.84 20.67 36.29
CA SER A 352 7.23 20.28 36.05
C SER A 352 8.15 21.48 36.02
N GLN A 353 7.67 22.63 35.52
CA GLN A 353 8.55 23.81 35.49
C GLN A 353 8.63 24.51 36.84
N MET A 354 7.57 24.48 37.64
CA MET A 354 7.70 24.98 39.01
C MET A 354 8.66 24.11 39.79
N ASN A 355 8.56 22.80 39.62
CA ASN A 355 9.50 21.91 40.29
C ASN A 355 10.91 22.17 39.81
N SER A 356 11.09 22.38 38.52
CA SER A 356 12.42 22.64 38.00
C SER A 356 12.97 23.95 38.58
N PHE A 357 12.09 24.94 38.75
CA PHE A 357 12.53 26.20 39.32
C PHE A 357 12.99 26.00 40.77
N LEU A 358 12.23 25.24 41.52
CA LEU A 358 12.50 25.04 42.93
C LEU A 358 13.81 24.30 43.13
N CYS A 359 14.06 23.28 42.33
CA CYS A 359 15.31 22.52 42.44
C CYS A 359 16.52 23.33 42.04
N PHE A 360 16.42 24.18 40.99
CA PHE A 360 17.56 25.03 40.63
C PHE A 360 17.83 26.05 41.72
N PHE A 361 16.78 26.59 42.33
CA PHE A 361 16.98 27.50 43.44
C PHE A 361 17.72 26.79 44.59
N LEU A 362 17.23 25.62 45.01
CA LEU A 362 17.86 24.92 46.11
C LEU A 362 19.25 24.45 45.75
N PHE A 363 19.45 24.06 44.48
CA PHE A 363 20.82 23.78 44.04
C PHE A 363 21.72 24.99 44.28
N ALA A 364 21.21 26.19 43.99
CA ALA A 364 22.00 27.40 44.19
C ALA A 364 22.34 27.59 45.66
N VAL A 365 21.36 27.42 46.54
CA VAL A 365 21.63 27.42 47.98
C VAL A 365 22.71 26.42 48.37
N LEU A 366 22.66 25.19 47.83
CA LEU A 366 23.49 24.13 48.37
C LEU A 366 24.83 23.96 47.70
N ILE A 367 25.03 24.54 46.54
CA ILE A 367 26.19 24.09 45.78
C ILE A 367 27.51 24.62 46.29
N GLY A 368 27.50 25.68 47.11
CA GLY A 368 28.73 26.09 47.78
C GLY A 368 29.14 25.18 48.95
N ARG A 369 28.31 24.24 49.39
CA ARG A 369 28.64 23.45 50.60
C ARG A 369 29.62 22.35 50.23
N LYS A 370 30.91 22.58 50.50
CA LYS A 370 31.97 21.62 50.15
C LYS A 370 31.84 20.29 50.86
N GLU A 371 31.08 20.21 51.95
CA GLU A 371 30.89 18.92 52.61
C GLU A 371 30.05 17.97 51.75
N LEU A 372 29.18 18.51 50.87
CA LEU A 372 28.32 17.67 50.03
C LEU A 372 29.18 16.88 49.05
N PHE A 373 30.22 17.51 48.54
CA PHE A 373 31.17 16.89 47.64
C PHE A 373 32.05 15.90 48.36
N ALA A 374 32.47 16.25 49.56
CA ALA A 374 33.41 15.38 50.25
C ALA A 374 32.72 14.08 50.64
N ALA A 375 31.42 14.17 51.00
CA ALA A 375 30.62 12.99 51.24
C ALA A 375 30.82 11.94 50.17
N PHE A 376 31.03 12.35 48.91
CA PHE A 376 31.06 11.38 47.82
C PHE A 376 32.43 11.25 47.16
N GLY A 377 33.48 11.54 47.91
CA GLY A 377 34.84 11.30 47.42
C GLY A 377 35.42 12.41 46.56
N PHE A 378 34.84 13.62 46.56
CA PHE A 378 35.42 14.76 45.81
C PHE A 378 36.06 15.70 46.83
N TYR A 379 37.36 15.50 47.05
CA TYR A 379 38.07 16.28 48.05
C TYR A 379 38.78 17.48 47.43
N ASP A 380 39.53 17.26 46.37
CA ASP A 380 40.39 18.30 45.79
C ASP A 380 39.68 19.22 44.81
N SER A 381 38.43 18.95 44.44
CA SER A 381 37.72 19.71 43.41
C SER A 381 36.21 19.56 43.61
N GLN A 382 35.48 20.50 43.02
CA GLN A 382 34.02 20.54 43.13
C GLN A 382 33.39 20.77 41.77
N PRO A 383 33.55 19.81 40.86
CA PRO A 383 33.02 20.00 39.50
C PRO A 383 31.52 20.26 39.50
N THR A 384 31.11 21.19 38.65
CA THR A 384 29.71 21.61 38.60
C THR A 384 28.77 20.45 38.33
N LEU A 385 29.16 19.56 37.41
CA LEU A 385 28.30 18.47 37.01
C LEU A 385 28.13 17.47 38.13
N ILE A 386 29.25 17.13 38.78
CA ILE A 386 29.23 16.31 39.99
C ILE A 386 28.31 16.95 41.01
N GLY A 387 28.39 18.26 41.16
CA GLY A 387 27.43 18.95 42.02
C GLY A 387 25.99 18.69 41.65
N LEU A 388 25.64 18.78 40.35
CA LEU A 388 24.27 18.54 39.94
C LEU A 388 23.87 17.12 40.30
N LEU A 389 24.73 16.16 39.95
CA LEU A 389 24.51 14.75 40.24
C LEU A 389 24.20 14.52 41.72
N ILE A 390 25.02 15.08 42.62
CA ILE A 390 24.89 14.79 44.05
C ILE A 390 23.64 15.42 44.60
N ILE A 391 23.38 16.67 44.24
CA ILE A 391 22.25 17.39 44.82
C ILE A 391 20.92 16.89 44.25
N PHE A 392 20.82 16.78 42.92
CA PHE A 392 19.54 16.41 42.29
C PHE A 392 19.17 14.94 42.54
N GLN A 393 20.14 14.01 42.45
CA GLN A 393 19.91 12.58 42.63
C GLN A 393 20.03 12.10 44.08
N PHE A 394 21.01 12.57 44.87
CA PHE A 394 21.23 12.05 46.24
C PHE A 394 20.55 12.93 47.28
N ILE A 395 20.94 14.19 47.37
CA ILE A 395 20.42 15.08 48.40
C ILE A 395 18.93 15.30 48.25
N PHE A 396 18.44 15.50 47.01
CA PHE A 396 17.01 15.72 46.83
C PHE A 396 16.15 14.44 46.89
N SER A 397 16.77 13.24 47.04
CA SER A 397 16.16 11.90 47.21
C SER A 397 14.80 11.88 47.90
N PRO A 398 14.69 12.31 49.16
CA PRO A 398 13.38 12.29 49.83
C PRO A 398 12.33 13.15 49.16
N TYR A 399 12.68 14.34 48.71
CA TYR A 399 11.74 15.17 47.99
C TYR A 399 11.32 14.51 46.67
N ASN A 400 12.28 13.97 45.92
CA ASN A 400 11.96 13.26 44.70
C ASN A 400 10.97 12.13 44.93
N GLU A 401 11.12 11.40 46.03
CA GLU A 401 10.20 10.29 46.32
C GLU A 401 8.83 10.81 46.67
N VAL A 402 8.77 11.81 47.55
CA VAL A 402 7.45 12.34 47.92
C VAL A 402 6.76 12.88 46.68
N LEU A 403 7.48 13.66 45.86
CA LEU A 403 6.85 14.22 44.65
C LEU A 403 6.42 13.14 43.68
N SER A 404 7.24 12.11 43.42
CA SER A 404 6.79 11.03 42.55
C SER A 404 5.46 10.51 43.05
N PHE A 405 5.40 10.23 44.35
CA PHE A 405 4.18 9.70 44.90
C PHE A 405 3.03 10.68 44.72
N CYS A 406 3.27 11.96 44.96
CA CYS A 406 2.20 12.94 44.77
C CYS A 406 1.73 12.99 43.32
N LEU A 407 2.66 12.87 42.38
CA LEU A 407 2.26 12.92 40.98
C LEU A 407 1.47 11.68 40.59
N THR A 408 1.75 10.55 41.25
CA THR A 408 1.03 9.30 40.98
C THR A 408 -0.42 9.42 41.44
N VAL A 409 -0.65 9.99 42.61
CA VAL A 409 -2.01 10.22 43.08
C VAL A 409 -2.75 11.17 42.15
N LEU A 410 -2.09 12.27 41.77
CA LEU A 410 -2.71 13.24 40.86
C LEU A 410 -3.10 12.58 39.54
N SER A 411 -2.17 11.81 38.98
CA SER A 411 -2.39 11.07 37.75
C SER A 411 -3.65 10.20 37.83
N ARG A 412 -3.80 9.44 38.91
CA ARG A 412 -5.02 8.66 39.10
C ARG A 412 -6.26 9.55 39.05
N ARG A 413 -6.18 10.72 39.68
CA ARG A 413 -7.32 11.65 39.68
C ARG A 413 -7.64 12.13 38.26
N PHE A 414 -6.61 12.46 37.48
CA PHE A 414 -6.82 12.89 36.10
C PHE A 414 -7.42 11.78 35.26
N GLU A 415 -7.02 10.54 35.51
CA GLU A 415 -7.58 9.44 34.73
C GLU A 415 -9.07 9.28 34.99
N PHE A 416 -9.50 9.38 36.25
CA PHE A 416 -10.94 9.29 36.52
C PHE A 416 -11.67 10.45 35.84
N GLN A 417 -11.05 11.61 35.78
CA GLN A 417 -11.66 12.77 35.18
C GLN A 417 -11.76 12.64 33.66
N ALA A 418 -10.74 12.07 33.04
CA ALA A 418 -10.81 11.82 31.62
C ALA A 418 -11.87 10.76 31.29
N ASP A 419 -11.92 9.65 32.03
CA ASP A 419 -13.03 8.69 31.90
C ASP A 419 -14.37 9.41 31.97
N ALA A 420 -14.53 10.28 32.96
CA ALA A 420 -15.79 10.99 33.17
C ALA A 420 -16.12 11.94 32.02
N PHE A 421 -15.10 12.50 31.37
CA PHE A 421 -15.32 13.34 30.20
C PHE A 421 -15.84 12.52 29.03
N ALA A 422 -15.33 11.30 28.87
CA ALA A 422 -15.87 10.41 27.84
C ALA A 422 -17.31 10.00 28.17
N LYS A 423 -17.60 9.77 29.44
CA LYS A 423 -18.99 9.57 29.85
C LYS A 423 -19.85 10.74 29.40
N LYS A 424 -19.34 11.96 29.62
CA LYS A 424 -20.03 13.19 29.28
C LYS A 424 -20.35 13.22 27.79
N LEU A 425 -19.36 12.91 26.98
CA LEU A 425 -19.54 12.83 25.54
C LEU A 425 -20.56 11.78 25.12
N GLY A 426 -21.06 10.97 26.05
CA GLY A 426 -21.98 9.91 25.71
C GLY A 426 -21.34 8.57 25.37
N LYS A 427 -20.13 8.27 25.87
CA LYS A 427 -19.39 7.11 25.39
C LYS A 427 -19.00 6.15 26.51
N ALA A 428 -19.70 6.24 27.66
CA ALA A 428 -19.35 5.40 28.81
C ALA A 428 -19.43 3.92 28.46
N LYS A 429 -20.51 3.50 27.79
CA LYS A 429 -20.66 2.09 27.45
C LYS A 429 -19.53 1.60 26.56
N ASP A 430 -19.11 2.41 25.60
CA ASP A 430 -18.03 1.99 24.72
C ASP A 430 -16.68 2.04 25.41
N LEU A 431 -16.50 2.97 26.34
CA LEU A 431 -15.24 3.02 27.07
C LEU A 431 -15.14 1.84 28.03
N TYR A 432 -16.23 1.52 28.71
CA TYR A 432 -16.29 0.33 29.53
C TYR A 432 -15.82 -0.88 28.75
N SER A 433 -16.42 -1.11 27.60
CA SER A 433 -16.05 -2.20 26.71
C SER A 433 -14.59 -2.12 26.30
N ALA A 434 -14.13 -0.92 25.91
CA ALA A 434 -12.76 -0.72 25.45
C ALA A 434 -11.75 -1.11 26.52
N LEU A 435 -11.97 -0.67 27.75
CA LEU A 435 -11.01 -0.97 28.81
C LEU A 435 -10.92 -2.46 29.09
N ILE A 436 -12.02 -3.20 28.94
CA ILE A 436 -11.97 -4.63 29.18
C ILE A 436 -11.16 -5.32 28.09
N LYS A 437 -11.36 -4.93 26.84
CA LYS A 437 -10.70 -5.58 25.71
C LYS A 437 -9.19 -5.27 25.69
N LEU A 438 -8.81 -4.04 26.04
CA LEU A 438 -7.39 -3.71 26.11
C LEU A 438 -6.74 -4.42 27.28
N ASN A 439 -7.45 -4.52 28.40
CA ASN A 439 -6.92 -5.29 29.50
C ASN A 439 -6.63 -6.74 29.10
N LYS A 440 -7.52 -7.34 28.27
CA LYS A 440 -7.33 -8.69 27.75
C LYS A 440 -6.18 -8.78 26.73
N ASP A 441 -6.16 -7.90 25.72
CA ASP A 441 -5.08 -7.96 24.74
C ASP A 441 -3.70 -7.80 25.42
N ASN A 442 -3.60 -6.98 26.47
CA ASN A 442 -2.32 -6.72 27.12
C ASN A 442 -2.07 -7.63 28.33
N LEU A 443 -3.02 -8.54 28.64
CA LEU A 443 -2.90 -9.50 29.75
C LEU A 443 -2.73 -8.79 31.08
N GLY A 444 -3.50 -7.73 31.31
CA GLY A 444 -3.53 -7.14 32.63
C GLY A 444 -4.25 -8.03 33.63
N PHE A 445 -3.70 -8.13 34.83
CA PHE A 445 -4.31 -8.89 35.92
C PHE A 445 -5.15 -7.95 36.77
N PRO A 446 -6.48 -8.11 36.85
CA PRO A 446 -7.30 -7.04 37.43
C PRO A 446 -7.59 -7.16 38.91
N VAL A 447 -6.72 -7.81 39.65
CA VAL A 447 -6.76 -7.72 41.09
C VAL A 447 -5.38 -7.29 41.57
N SER A 448 -5.36 -6.35 42.49
CA SER A 448 -4.10 -5.81 42.95
C SER A 448 -4.15 -5.64 44.46
N ASP A 449 -2.99 -5.66 45.09
CA ASP A 449 -2.93 -5.27 46.49
C ASP A 449 -3.17 -3.77 46.62
N TRP A 450 -3.95 -3.38 47.63
CA TRP A 450 -4.34 -1.99 47.73
C TRP A 450 -3.16 -1.09 48.05
N LEU A 451 -2.15 -1.59 48.78
CA LEU A 451 -1.02 -0.76 49.13
C LEU A 451 -0.06 -0.60 47.97
N PHE A 452 0.24 -1.70 47.28
CA PHE A 452 1.09 -1.65 46.10
C PHE A 452 0.49 -0.73 45.05
N SER A 453 -0.82 -0.82 44.84
CA SER A 453 -1.46 -0.03 43.79
C SER A 453 -1.53 1.45 44.17
N MET A 454 -1.74 1.74 45.45
CA MET A 454 -1.66 3.13 45.92
C MET A 454 -0.29 3.73 45.67
N TRP A 455 0.77 2.98 45.91
CA TRP A 455 2.12 3.51 45.76
C TRP A 455 2.51 3.64 44.30
N HIS A 456 2.08 2.70 43.46
CA HIS A 456 2.71 2.56 42.15
C HIS A 456 1.83 2.91 40.95
N TYR A 457 0.51 2.80 41.03
CA TYR A 457 -0.33 2.79 39.83
C TYR A 457 -0.69 4.21 39.44
N SER A 458 -0.32 4.60 38.23
CA SER A 458 -0.63 5.92 37.72
C SER A 458 -2.06 5.92 37.21
N HIS A 459 -2.55 4.72 36.87
CA HIS A 459 -3.91 4.54 36.39
C HIS A 459 -4.65 3.71 37.42
N PRO A 460 -5.86 4.14 37.80
CA PRO A 460 -6.56 3.37 38.82
C PRO A 460 -6.91 1.99 38.31
N PRO A 461 -6.96 1.00 39.21
CA PRO A 461 -7.29 -0.36 38.76
C PRO A 461 -8.53 -0.40 37.87
N LEU A 462 -8.50 -1.35 36.95
CA LEU A 462 -9.55 -1.51 35.96
C LEU A 462 -10.93 -1.55 36.60
N LEU A 463 -11.10 -2.30 37.68
CA LEU A 463 -12.43 -2.45 38.27
C LEU A 463 -12.97 -1.13 38.83
N GLU A 464 -12.08 -0.33 39.42
CA GLU A 464 -12.44 1.01 39.89
C GLU A 464 -12.85 1.91 38.74
N ARG A 465 -12.22 1.72 37.58
CA ARG A 465 -12.58 2.54 36.42
C ARG A 465 -13.94 2.10 35.84
N LEU A 466 -14.19 0.78 35.81
CA LEU A 466 -15.48 0.30 35.32
C LEU A 466 -16.63 0.70 36.23
N GLN A 467 -16.44 0.62 37.56
CA GLN A 467 -17.49 1.04 38.47
C GLN A 467 -17.85 2.50 38.26
N ALA A 468 -16.83 3.36 38.06
CA ALA A 468 -17.05 4.78 37.88
C ALA A 468 -17.81 5.08 36.58
N LEU A 469 -17.55 4.30 35.54
CA LEU A 469 -18.26 4.52 34.29
C LEU A 469 -19.71 4.08 34.36
N LYS A 470 -20.12 3.35 35.41
CA LYS A 470 -21.51 2.88 35.54
C LYS A 470 -22.44 3.90 36.21
N GLU B 16 3.83 -36.14 -41.15
CA GLU B 16 2.49 -35.62 -40.92
C GLU B 16 2.03 -35.85 -39.49
N LYS B 17 2.42 -36.98 -38.87
CA LYS B 17 2.08 -37.25 -37.49
C LYS B 17 2.90 -36.40 -36.54
N ARG B 18 4.18 -36.17 -36.85
CA ARG B 18 4.99 -35.30 -36.00
C ARG B 18 4.43 -33.88 -36.00
N ILE B 19 3.96 -33.41 -37.16
CA ILE B 19 3.42 -32.06 -37.26
C ILE B 19 2.16 -31.92 -36.45
N PHE B 20 1.20 -32.81 -36.69
CA PHE B 20 -0.05 -32.73 -35.94
C PHE B 20 0.22 -32.85 -34.44
N GLY B 21 0.95 -33.89 -34.05
CA GLY B 21 1.23 -34.08 -32.65
C GLY B 21 1.90 -32.88 -32.01
N ALA B 22 2.81 -32.23 -32.74
CA ALA B 22 3.53 -31.13 -32.10
C ALA B 22 2.64 -29.91 -31.93
N VAL B 23 1.72 -29.70 -32.85
CA VAL B 23 0.81 -28.57 -32.69
C VAL B 23 -0.10 -28.82 -31.49
N LEU B 24 -0.58 -30.05 -31.38
CA LEU B 24 -1.52 -30.34 -30.30
C LEU B 24 -0.82 -30.33 -28.95
N LEU B 25 0.38 -30.87 -28.88
CA LEU B 25 1.12 -30.87 -27.63
C LEU B 25 1.55 -29.46 -27.24
N PHE B 26 1.89 -28.61 -28.21
CA PHE B 26 2.21 -27.22 -27.87
C PHE B 26 0.99 -26.52 -27.31
N SER B 27 -0.17 -26.74 -27.92
CA SER B 27 -1.42 -26.19 -27.41
C SER B 27 -1.65 -26.56 -25.95
N TRP B 28 -1.55 -27.85 -25.63
CA TRP B 28 -1.77 -28.31 -24.28
C TRP B 28 -0.74 -27.74 -23.35
N THR B 29 0.48 -27.60 -23.81
CA THR B 29 1.54 -27.07 -22.95
C THR B 29 1.26 -25.63 -22.58
N VAL B 30 0.93 -24.81 -23.57
CA VAL B 30 0.55 -23.42 -23.29
C VAL B 30 -0.64 -23.39 -22.34
N TYR B 31 -1.66 -24.18 -22.64
CA TYR B 31 -2.83 -24.20 -21.78
C TYR B 31 -2.46 -24.55 -20.33
N LEU B 32 -1.61 -25.56 -20.11
CA LEU B 32 -1.23 -25.89 -18.73
C LEU B 32 -0.43 -24.75 -18.09
N TRP B 33 0.45 -24.11 -18.86
CA TRP B 33 1.22 -22.99 -18.31
C TRP B 33 0.27 -21.85 -17.91
N GLU B 34 -0.72 -21.58 -18.73
CA GLU B 34 -1.62 -20.47 -18.42
C GLU B 34 -2.62 -20.82 -17.34
N THR B 35 -2.94 -22.12 -17.17
CA THR B 35 -3.79 -22.53 -16.07
C THR B 35 -3.06 -22.42 -14.74
N PHE B 36 -1.81 -22.85 -14.74
CA PHE B 36 -0.91 -22.63 -13.62
C PHE B 36 -0.83 -21.16 -13.20
N LEU B 37 -0.52 -20.27 -14.14
CA LEU B 37 -0.46 -18.84 -13.82
C LEU B 37 -1.78 -18.32 -13.29
N ALA B 38 -2.88 -18.70 -13.93
CA ALA B 38 -4.17 -18.18 -13.49
C ALA B 38 -4.46 -18.61 -12.07
N GLN B 39 -4.08 -19.85 -11.70
CA GLN B 39 -4.27 -20.33 -10.34
C GLN B 39 -3.46 -19.49 -9.35
N ARG B 40 -2.26 -19.10 -9.72
CA ARG B 40 -1.49 -18.30 -8.77
C ARG B 40 -2.16 -16.95 -8.53
N GLN B 41 -2.80 -16.39 -9.56
CA GLN B 41 -3.47 -15.10 -9.41
C GLN B 41 -4.77 -15.27 -8.66
N ARG B 42 -5.51 -16.35 -8.95
CA ARG B 42 -6.75 -16.60 -8.24
C ARG B 42 -6.47 -16.79 -6.75
N ARG B 43 -5.39 -17.49 -6.42
CA ARG B 43 -5.00 -17.66 -5.02
C ARG B 43 -4.85 -16.31 -4.34
N ILE B 44 -4.33 -15.31 -5.04
CA ILE B 44 -4.15 -14.01 -4.40
C ILE B 44 -5.52 -13.41 -4.09
N TYR B 45 -6.48 -13.54 -4.99
CA TYR B 45 -7.79 -13.02 -4.69
C TYR B 45 -8.40 -13.70 -3.48
N LYS B 46 -8.16 -14.97 -3.26
CA LYS B 46 -8.80 -15.60 -2.12
C LYS B 46 -8.06 -15.42 -0.83
N THR B 47 -6.78 -15.14 -0.96
CA THR B 47 -5.86 -15.01 0.16
C THR B 47 -5.80 -13.60 0.72
N THR B 48 -5.73 -12.60 -0.16
CA THR B 48 -5.46 -11.21 0.23
C THR B 48 -6.80 -10.60 0.61
N THR B 49 -7.17 -10.77 1.86
CA THR B 49 -8.54 -10.49 2.27
C THR B 49 -8.69 -9.19 3.07
N HIS B 50 -7.58 -8.52 3.43
CA HIS B 50 -7.63 -7.16 3.93
C HIS B 50 -6.62 -6.30 3.17
N VAL B 51 -6.83 -4.99 3.21
CA VAL B 51 -5.93 -4.09 2.46
C VAL B 51 -4.52 -4.22 3.01
N PRO B 52 -3.50 -4.47 2.18
CA PRO B 52 -2.13 -4.42 2.68
C PRO B 52 -1.76 -3.03 3.14
N PRO B 53 -0.65 -2.89 3.88
CA PRO B 53 -0.24 -1.55 4.31
C PRO B 53 0.40 -0.72 3.21
N GLU B 54 0.93 -1.34 2.16
CA GLU B 54 1.43 -0.61 1.00
C GLU B 54 0.29 0.09 0.26
N LEU B 55 -0.94 0.04 0.81
CA LEU B 55 -2.12 0.42 0.04
C LEU B 55 -3.21 1.10 0.87
N GLY B 56 -2.96 1.46 2.13
CA GLY B 56 -4.00 2.10 2.91
C GLY B 56 -4.54 3.36 2.27
N GLN B 57 -3.66 4.17 1.69
CA GLN B 57 -4.03 5.41 1.03
C GLN B 57 -4.63 5.23 -0.36
N ILE B 58 -4.70 4.01 -0.89
CA ILE B 58 -5.04 3.79 -2.29
C ILE B 58 -6.43 3.18 -2.47
N MET B 59 -6.93 2.41 -1.52
CA MET B 59 -8.28 1.85 -1.57
C MET B 59 -8.81 1.73 -0.15
N ASP B 60 -10.09 2.04 0.05
CA ASP B 60 -10.75 1.77 1.30
C ASP B 60 -11.29 0.34 1.30
N SER B 61 -11.69 -0.10 2.49
CA SER B 61 -11.94 -1.52 2.71
C SER B 61 -13.20 -1.96 1.99
N GLU B 62 -14.14 -1.05 1.77
CA GLU B 62 -15.36 -1.44 1.06
C GLU B 62 -15.09 -1.63 -0.44
N THR B 63 -14.29 -0.76 -1.03
CA THR B 63 -13.98 -0.92 -2.44
C THR B 63 -13.09 -2.15 -2.65
N PHE B 64 -12.25 -2.46 -1.67
CA PHE B 64 -11.32 -3.58 -1.76
C PHE B 64 -12.07 -4.90 -1.83
N GLU B 65 -13.04 -5.09 -0.94
CA GLU B 65 -13.84 -6.31 -1.00
C GLU B 65 -14.62 -6.39 -2.31
N LYS B 66 -15.18 -5.27 -2.76
CA LYS B 66 -15.95 -5.27 -4.00
C LYS B 66 -15.10 -5.68 -5.18
N SER B 67 -13.82 -5.25 -5.19
CA SER B 67 -12.90 -5.59 -6.26
C SER B 67 -12.46 -7.04 -6.17
N ARG B 68 -12.08 -7.48 -4.97
CA ARG B 68 -11.72 -8.87 -4.77
C ARG B 68 -12.84 -9.77 -5.23
N LEU B 69 -14.10 -9.43 -4.92
CA LEU B 69 -15.21 -10.31 -5.29
C LEU B 69 -15.45 -10.28 -6.78
N TYR B 70 -15.29 -9.11 -7.41
CA TYR B 70 -15.44 -8.97 -8.87
C TYR B 70 -14.38 -9.77 -9.58
N GLN B 71 -13.12 -9.45 -9.30
CA GLN B 71 -12.02 -10.18 -9.90
C GLN B 71 -12.09 -11.68 -9.64
N LEU B 72 -12.62 -12.13 -8.49
CA LEU B 72 -12.67 -13.57 -8.27
C LEU B 72 -13.73 -14.23 -9.14
N ASP B 73 -14.86 -13.55 -9.36
CA ASP B 73 -15.86 -14.10 -10.28
C ASP B 73 -15.33 -14.18 -11.70
N LYS B 74 -14.60 -13.15 -12.14
CA LYS B 74 -14.01 -13.14 -13.49
C LYS B 74 -12.99 -14.27 -13.65
N SER B 75 -12.22 -14.54 -12.60
CA SER B 75 -11.22 -15.59 -12.60
C SER B 75 -11.87 -16.96 -12.69
N THR B 76 -12.93 -17.19 -11.92
CA THR B 76 -13.66 -18.45 -12.03
C THR B 76 -14.25 -18.62 -13.41
N PHE B 77 -14.83 -17.57 -13.97
CA PHE B 77 -15.39 -17.65 -15.32
C PHE B 77 -14.30 -17.93 -16.33
N SER B 78 -13.12 -17.35 -16.12
CA SER B 78 -12.00 -17.54 -17.01
C SER B 78 -11.49 -18.98 -17.00
N PHE B 79 -11.47 -19.63 -15.83
CA PHE B 79 -11.07 -21.02 -15.77
C PHE B 79 -11.98 -21.88 -16.64
N TRP B 80 -13.29 -21.75 -16.47
CA TRP B 80 -14.21 -22.57 -17.25
C TRP B 80 -14.15 -22.23 -18.73
N SER B 81 -14.06 -20.93 -19.08
CA SER B 81 -13.96 -20.57 -20.48
C SER B 81 -12.74 -21.16 -21.13
N GLY B 82 -11.60 -21.04 -20.47
CA GLY B 82 -10.38 -21.57 -21.02
C GLY B 82 -10.35 -23.10 -21.05
N LEU B 83 -11.06 -23.77 -20.13
CA LEU B 83 -11.15 -25.23 -20.24
C LEU B 83 -12.06 -25.65 -21.38
N TYR B 84 -13.19 -24.98 -21.54
CA TYR B 84 -14.06 -25.33 -22.65
C TYR B 84 -13.38 -25.06 -23.97
N SER B 85 -12.70 -23.93 -24.08
CA SER B 85 -12.03 -23.57 -25.31
C SER B 85 -10.92 -24.57 -25.66
N GLU B 86 -10.12 -25.00 -24.69
CA GLU B 86 -9.09 -26.00 -24.98
C GLU B 86 -9.69 -27.36 -25.38
N THR B 87 -10.78 -27.76 -24.76
CA THR B 87 -11.44 -29.00 -25.13
C THR B 87 -12.04 -28.94 -26.54
N GLU B 88 -12.77 -27.87 -26.85
CA GLU B 88 -13.37 -27.72 -28.17
C GLU B 88 -12.33 -27.74 -29.27
N GLY B 89 -11.23 -27.01 -29.07
CA GLY B 89 -10.16 -27.02 -30.05
C GLY B 89 -9.50 -28.39 -30.21
N THR B 90 -9.22 -29.07 -29.09
CA THR B 90 -8.68 -30.43 -29.12
C THR B 90 -9.58 -31.37 -29.90
N LEU B 91 -10.88 -31.30 -29.63
CA LEU B 91 -11.80 -32.23 -30.27
C LEU B 91 -11.98 -31.93 -31.75
N ILE B 92 -11.97 -30.65 -32.13
CA ILE B 92 -12.03 -30.27 -33.55
C ILE B 92 -10.82 -30.83 -34.29
N LEU B 93 -9.64 -30.64 -33.73
CA LEU B 93 -8.45 -31.19 -34.34
C LEU B 93 -8.46 -32.72 -34.38
N LEU B 94 -8.82 -33.38 -33.26
CA LEU B 94 -8.73 -34.83 -33.27
C LEU B 94 -9.77 -35.46 -34.17
N PHE B 95 -10.98 -34.90 -34.25
CA PHE B 95 -12.01 -35.53 -35.07
C PHE B 95 -12.23 -34.82 -36.40
N GLY B 96 -11.27 -34.02 -36.85
CA GLY B 96 -11.30 -33.45 -38.21
C GLY B 96 -12.41 -32.47 -38.49
N GLY B 97 -12.65 -31.54 -37.59
CA GLY B 97 -13.76 -30.62 -37.78
C GLY B 97 -13.54 -29.66 -38.93
N ILE B 98 -12.28 -29.30 -39.17
CA ILE B 98 -11.90 -28.36 -40.20
C ILE B 98 -12.05 -29.00 -41.59
N PRO B 99 -11.53 -30.22 -41.86
CA PRO B 99 -11.90 -30.87 -43.13
C PRO B 99 -13.41 -31.09 -43.26
N TYR B 100 -14.08 -31.45 -42.17
CA TYR B 100 -15.52 -31.62 -42.23
C TYR B 100 -16.22 -30.34 -42.69
N LEU B 101 -15.87 -29.19 -42.09
CA LEU B 101 -16.54 -27.94 -42.41
C LEU B 101 -16.24 -27.54 -43.85
N TRP B 102 -14.99 -27.76 -44.29
CA TRP B 102 -14.61 -27.63 -45.68
C TRP B 102 -15.52 -28.43 -46.61
N ARG B 103 -15.65 -29.74 -46.36
CA ARG B 103 -16.49 -30.55 -47.25
C ARG B 103 -17.94 -30.10 -47.17
N LEU B 104 -18.38 -29.65 -46.00
CA LEU B 104 -19.73 -29.12 -45.86
C LEU B 104 -19.92 -27.85 -46.70
N SER B 105 -18.88 -27.04 -46.80
CA SER B 105 -18.95 -25.82 -47.60
C SER B 105 -19.02 -26.17 -49.09
N GLY B 106 -18.24 -27.17 -49.51
CA GLY B 106 -18.37 -27.68 -50.88
C GLY B 106 -19.79 -28.16 -51.18
N ARG B 107 -20.43 -28.80 -50.22
CA ARG B 107 -21.79 -29.30 -50.44
C ARG B 107 -22.75 -28.14 -50.68
N PHE B 108 -22.63 -27.04 -49.95
CA PHE B 108 -23.45 -25.89 -50.25
C PHE B 108 -23.16 -25.35 -51.64
N CYS B 109 -21.90 -25.40 -52.05
CA CYS B 109 -21.50 -24.84 -53.34
C CYS B 109 -22.12 -25.63 -54.49
N GLY B 110 -22.15 -26.96 -54.40
CA GLY B 110 -22.63 -27.78 -55.49
C GLY B 110 -24.13 -27.89 -55.58
N TYR B 111 -24.85 -27.59 -54.53
CA TYR B 111 -26.30 -27.50 -54.64
C TYR B 111 -26.73 -26.12 -55.12
N ALA B 112 -25.80 -25.17 -55.21
CA ALA B 112 -26.03 -23.90 -55.89
C ALA B 112 -25.45 -23.88 -57.30
N GLY B 113 -24.87 -24.99 -57.76
CA GLY B 113 -24.36 -25.09 -59.12
C GLY B 113 -22.88 -24.77 -59.27
N PHE B 114 -22.12 -24.74 -58.18
CA PHE B 114 -20.70 -24.45 -58.20
C PHE B 114 -19.96 -25.73 -57.84
N GLY B 115 -19.10 -26.16 -58.74
CA GLY B 115 -18.34 -27.36 -58.54
C GLY B 115 -17.03 -27.05 -57.84
N PRO B 116 -16.26 -28.10 -57.56
CA PRO B 116 -15.03 -27.93 -56.77
C PRO B 116 -14.01 -27.04 -57.41
N GLU B 117 -14.06 -26.83 -58.73
CA GLU B 117 -13.07 -25.99 -59.37
C GLU B 117 -13.14 -24.56 -58.81
N TYR B 118 -14.30 -24.18 -58.26
CA TYR B 118 -14.54 -22.87 -57.66
C TYR B 118 -14.06 -22.89 -56.19
N GLU B 119 -12.74 -22.86 -56.05
CA GLU B 119 -12.12 -22.97 -54.75
C GLU B 119 -12.34 -21.70 -53.92
N ILE B 120 -12.08 -20.51 -54.47
CA ILE B 120 -12.31 -19.29 -53.69
C ILE B 120 -13.75 -19.23 -53.23
N THR B 121 -14.70 -19.57 -54.09
CA THR B 121 -16.10 -19.56 -53.67
C THR B 121 -16.30 -20.47 -52.44
N GLN B 122 -15.80 -21.70 -52.52
CA GLN B 122 -15.92 -22.62 -51.40
C GLN B 122 -15.20 -22.07 -50.17
N SER B 123 -14.03 -21.47 -50.37
CA SER B 123 -13.33 -20.79 -49.29
C SER B 123 -14.17 -19.69 -48.62
N LEU B 124 -14.95 -18.96 -49.40
CA LEU B 124 -15.72 -17.88 -48.78
C LEU B 124 -16.86 -18.45 -47.96
N VAL B 125 -17.48 -19.53 -48.45
CA VAL B 125 -18.47 -20.26 -47.68
C VAL B 125 -17.88 -20.76 -46.37
N PHE B 126 -16.69 -21.37 -46.44
CA PHE B 126 -15.98 -21.83 -45.24
C PHE B 126 -15.72 -20.68 -44.28
N LEU B 127 -15.26 -19.55 -44.79
CA LEU B 127 -15.05 -18.37 -43.95
C LEU B 127 -16.33 -17.93 -43.27
N LEU B 128 -17.45 -17.96 -43.98
CA LEU B 128 -18.69 -17.59 -43.35
C LEU B 128 -19.07 -18.56 -42.23
N LEU B 129 -19.06 -19.86 -42.53
CA LEU B 129 -19.48 -20.87 -41.55
C LEU B 129 -18.54 -20.93 -40.34
N ALA B 130 -17.24 -20.81 -40.58
CA ALA B 130 -16.26 -20.85 -39.50
C ALA B 130 -16.47 -19.69 -38.55
N THR B 131 -16.65 -18.49 -39.09
CA THR B 131 -16.90 -17.33 -38.23
C THR B 131 -18.29 -17.41 -37.59
N LEU B 132 -19.28 -17.96 -38.27
CA LEU B 132 -20.57 -18.16 -37.63
C LEU B 132 -20.46 -19.14 -36.47
N PHE B 133 -19.85 -20.30 -36.71
CA PHE B 133 -19.64 -21.30 -35.66
C PHE B 133 -18.97 -20.67 -34.45
N SER B 134 -17.86 -19.99 -34.67
CA SER B 134 -17.20 -19.36 -33.56
C SER B 134 -18.09 -18.29 -32.90
N ALA B 135 -18.84 -17.51 -33.70
CA ALA B 135 -19.75 -16.54 -33.10
C ALA B 135 -20.80 -17.24 -32.25
N LEU B 136 -21.34 -18.34 -32.75
CA LEU B 136 -22.38 -19.03 -32.00
C LEU B 136 -21.82 -19.68 -30.73
N ALA B 137 -20.65 -20.31 -30.80
CA ALA B 137 -20.17 -20.96 -29.59
C ALA B 137 -19.70 -19.95 -28.56
N GLY B 138 -19.32 -18.75 -28.97
CA GLY B 138 -18.98 -17.70 -28.03
C GLY B 138 -20.17 -17.09 -27.33
N LEU B 139 -21.37 -17.27 -27.88
CA LEU B 139 -22.53 -16.47 -27.43
C LEU B 139 -22.95 -16.83 -26.01
N PRO B 140 -23.11 -18.10 -25.65
CA PRO B 140 -23.46 -18.42 -24.26
C PRO B 140 -22.52 -17.79 -23.25
N TRP B 141 -21.24 -17.83 -23.54
CA TRP B 141 -20.25 -17.27 -22.63
C TRP B 141 -20.37 -15.76 -22.53
N SER B 142 -20.51 -15.07 -23.65
CA SER B 142 -20.63 -13.61 -23.65
C SER B 142 -21.91 -13.16 -22.95
N LEU B 143 -23.00 -13.89 -23.14
CA LEU B 143 -24.24 -13.56 -22.44
C LEU B 143 -24.05 -13.71 -20.93
N TYR B 144 -23.46 -14.82 -20.50
CA TYR B 144 -23.23 -15.03 -19.08
C TYR B 144 -22.35 -13.94 -18.50
N ASN B 145 -21.29 -13.58 -19.21
CA ASN B 145 -20.41 -12.54 -18.67
C ASN B 145 -21.11 -11.20 -18.57
N THR B 146 -21.93 -10.88 -19.57
CA THR B 146 -22.58 -9.58 -19.60
C THR B 146 -23.75 -9.53 -18.61
N PHE B 147 -24.62 -10.55 -18.64
CA PHE B 147 -25.87 -10.46 -17.92
C PHE B 147 -25.85 -11.16 -16.56
N VAL B 148 -24.79 -11.89 -16.22
CA VAL B 148 -24.63 -12.42 -14.86
C VAL B 148 -23.49 -11.68 -14.18
N ILE B 149 -22.26 -11.84 -14.69
CA ILE B 149 -21.11 -11.31 -13.96
C ILE B 149 -21.19 -9.80 -13.91
N GLU B 150 -21.29 -9.17 -15.07
CA GLU B 150 -21.27 -7.72 -15.16
C GLU B 150 -22.50 -7.11 -14.51
N GLU B 151 -23.66 -7.79 -14.63
CA GLU B 151 -24.87 -7.32 -13.98
C GLU B 151 -24.70 -7.37 -12.47
N LYS B 152 -24.20 -8.50 -11.97
CA LYS B 152 -24.06 -8.72 -10.54
C LYS B 152 -23.17 -7.69 -9.89
N HIS B 153 -22.09 -7.30 -10.54
CA HIS B 153 -21.18 -6.36 -9.91
C HIS B 153 -21.42 -4.89 -10.27
N GLY B 154 -22.52 -4.58 -10.95
CA GLY B 154 -22.98 -3.21 -11.12
C GLY B 154 -22.56 -2.50 -12.38
N PHE B 155 -21.94 -3.20 -13.33
CA PHE B 155 -21.39 -2.56 -14.53
C PHE B 155 -22.31 -2.60 -15.75
N ASN B 156 -23.08 -3.66 -15.98
CA ASN B 156 -23.81 -3.77 -17.23
C ASN B 156 -24.90 -2.72 -17.25
N GLN B 157 -25.05 -2.08 -18.41
CA GLN B 157 -26.14 -1.13 -18.62
C GLN B 157 -27.06 -1.52 -19.75
N GLN B 158 -26.83 -2.63 -20.45
CA GLN B 158 -27.61 -2.87 -21.64
C GLN B 158 -28.65 -3.95 -21.42
N THR B 159 -29.69 -3.91 -22.25
CA THR B 159 -30.69 -4.97 -22.31
C THR B 159 -30.26 -6.09 -23.26
N LEU B 160 -31.00 -7.19 -23.19
CA LEU B 160 -30.70 -8.30 -24.06
C LEU B 160 -30.95 -7.92 -25.49
N GLY B 161 -31.96 -7.09 -25.74
CA GLY B 161 -32.28 -6.69 -27.10
C GLY B 161 -31.20 -5.85 -27.73
N PHE B 162 -30.63 -4.93 -26.94
CA PHE B 162 -29.45 -4.18 -27.39
C PHE B 162 -28.30 -5.12 -27.68
N PHE B 163 -28.09 -6.09 -26.79
CA PHE B 163 -26.96 -7.00 -26.93
C PHE B 163 -27.04 -7.79 -28.22
N MET B 164 -28.23 -8.33 -28.54
CA MET B 164 -28.40 -9.12 -29.73
C MET B 164 -28.39 -8.26 -31.00
N LYS B 165 -29.03 -7.09 -30.96
CA LYS B 165 -28.93 -6.17 -32.10
C LYS B 165 -27.47 -5.90 -32.40
N ASP B 166 -26.71 -5.56 -31.35
CA ASP B 166 -25.29 -5.26 -31.49
C ASP B 166 -24.53 -6.45 -32.09
N ALA B 167 -24.82 -7.66 -31.62
CA ALA B 167 -24.03 -8.83 -32.02
C ALA B 167 -24.23 -9.15 -33.49
N ILE B 168 -25.49 -9.11 -33.95
CA ILE B 168 -25.80 -9.32 -35.35
C ILE B 168 -25.15 -8.26 -36.24
N LYS B 169 -25.21 -6.99 -35.84
CA LYS B 169 -24.64 -5.92 -36.64
C LYS B 169 -23.13 -6.08 -36.76
N LYS B 170 -22.47 -6.40 -35.66
CA LYS B 170 -21.04 -6.62 -35.72
C LYS B 170 -20.73 -7.81 -36.64
N PHE B 171 -21.55 -8.87 -36.61
CA PHE B 171 -21.28 -10.03 -37.44
C PHE B 171 -21.46 -9.70 -38.93
N VAL B 172 -22.57 -9.00 -39.26
CA VAL B 172 -22.84 -8.61 -40.62
C VAL B 172 -21.76 -7.69 -41.16
N VAL B 173 -21.42 -6.65 -40.39
CA VAL B 173 -20.43 -5.70 -40.90
C VAL B 173 -19.10 -6.39 -41.12
N THR B 174 -18.75 -7.30 -40.22
CA THR B 174 -17.54 -8.08 -40.40
C THR B 174 -17.54 -8.85 -41.72
N GLN B 175 -18.68 -9.46 -42.07
CA GLN B 175 -18.74 -10.25 -43.29
C GLN B 175 -18.68 -9.34 -44.50
N CYS B 176 -19.32 -8.17 -44.41
CA CYS B 176 -19.31 -7.25 -45.53
C CYS B 176 -17.89 -6.87 -45.92
N ILE B 177 -17.02 -6.72 -44.95
CA ILE B 177 -15.63 -6.40 -45.25
C ILE B 177 -14.81 -7.67 -45.50
N LEU B 178 -15.03 -8.70 -44.70
CA LEU B 178 -14.14 -9.84 -44.67
C LEU B 178 -14.16 -10.59 -46.00
N LEU B 179 -15.36 -10.88 -46.51
CA LEU B 179 -15.44 -11.76 -47.68
C LEU B 179 -14.89 -11.10 -48.92
N PRO B 180 -15.27 -9.88 -49.30
CA PRO B 180 -14.63 -9.30 -50.50
C PRO B 180 -13.13 -9.20 -50.37
N VAL B 181 -12.64 -8.74 -49.24
CA VAL B 181 -11.21 -8.63 -49.04
C VAL B 181 -10.55 -10.01 -49.14
N SER B 182 -11.25 -11.05 -48.63
CA SER B 182 -10.69 -12.40 -48.67
C SER B 182 -10.67 -12.94 -50.10
N SER B 183 -11.70 -12.66 -50.90
CA SER B 183 -11.65 -13.16 -52.27
C SER B 183 -10.46 -12.58 -53.01
N LEU B 184 -10.13 -11.30 -52.78
CA LEU B 184 -9.03 -10.67 -53.49
C LEU B 184 -7.69 -11.15 -53.02
N LEU B 185 -7.50 -11.21 -51.70
CA LEU B 185 -6.24 -11.68 -51.16
C LEU B 185 -5.94 -13.09 -51.64
N LEU B 186 -6.97 -13.94 -51.71
CA LEU B 186 -6.76 -15.32 -52.17
C LEU B 186 -6.41 -15.32 -53.65
N TYR B 187 -7.05 -14.44 -54.41
CA TYR B 187 -6.73 -14.32 -55.83
C TYR B 187 -5.29 -13.86 -56.00
N ILE B 188 -4.91 -12.82 -55.30
CA ILE B 188 -3.55 -12.34 -55.38
C ILE B 188 -2.59 -13.46 -55.08
N ILE B 189 -2.84 -14.22 -54.01
CA ILE B 189 -1.93 -15.30 -53.70
C ILE B 189 -1.82 -16.25 -54.89
N LYS B 190 -2.95 -16.65 -55.44
CA LYS B 190 -2.93 -17.60 -56.55
C LYS B 190 -2.20 -17.08 -57.80
N ILE B 191 -2.28 -15.78 -58.09
CA ILE B 191 -1.85 -15.23 -59.37
C ILE B 191 -0.45 -14.58 -59.34
N GLY B 192 0.15 -14.36 -58.18
CA GLY B 192 1.53 -13.84 -58.17
C GLY B 192 2.68 -14.45 -57.42
N GLY B 193 3.10 -15.64 -57.81
CA GLY B 193 4.42 -16.14 -57.40
C GLY B 193 5.41 -16.00 -58.52
N ASP B 194 6.70 -16.29 -58.29
CA ASP B 194 7.16 -16.78 -57.04
C ASP B 194 7.22 -15.70 -55.99
N TYR B 195 6.88 -14.46 -56.33
CA TYR B 195 6.92 -13.36 -55.38
C TYR B 195 5.53 -12.92 -54.95
N PHE B 196 4.55 -13.81 -55.05
CA PHE B 196 3.18 -13.47 -54.66
C PHE B 196 3.13 -12.87 -53.24
N PHE B 197 4.07 -13.28 -52.34
CA PHE B 197 3.96 -12.86 -50.95
C PHE B 197 4.23 -11.38 -50.75
N ILE B 198 4.97 -10.75 -51.65
CA ILE B 198 5.13 -9.30 -51.57
C ILE B 198 3.82 -8.59 -51.86
N TYR B 199 3.10 -9.05 -52.88
CA TYR B 199 1.83 -8.44 -53.24
C TYR B 199 0.73 -8.77 -52.24
N ALA B 200 0.77 -9.98 -51.68
CA ALA B 200 -0.10 -10.34 -50.57
C ALA B 200 0.13 -9.40 -49.38
N TRP B 201 1.40 -9.15 -49.06
CA TRP B 201 1.73 -8.27 -47.97
C TRP B 201 1.29 -6.85 -48.25
N LEU B 202 1.59 -6.35 -49.45
CA LEU B 202 1.22 -4.99 -49.81
C LEU B 202 -0.29 -4.81 -49.80
N PHE B 203 -1.03 -5.78 -50.33
CA PHE B 203 -2.48 -5.66 -50.29
C PHE B 203 -3.00 -5.60 -48.84
N THR B 204 -2.46 -6.43 -47.93
CA THR B 204 -3.00 -6.39 -46.58
C THR B 204 -2.62 -5.09 -45.89
N LEU B 205 -1.44 -4.54 -46.20
CA LEU B 205 -1.09 -3.23 -45.70
C LEU B 205 -2.08 -2.15 -46.15
N VAL B 206 -2.50 -2.18 -47.40
CA VAL B 206 -3.37 -1.16 -47.95
C VAL B 206 -4.75 -1.31 -47.38
N VAL B 207 -5.22 -2.54 -47.27
CA VAL B 207 -6.50 -2.79 -46.63
C VAL B 207 -6.47 -2.28 -45.20
N SER B 208 -5.39 -2.61 -44.49
CA SER B 208 -5.27 -2.18 -43.11
C SER B 208 -5.30 -0.67 -43.00
N LEU B 209 -4.60 0.01 -43.90
CA LEU B 209 -4.57 1.47 -43.94
C LEU B 209 -5.95 2.06 -44.23
N VAL B 210 -6.62 1.54 -45.25
CA VAL B 210 -7.96 2.03 -45.57
C VAL B 210 -8.87 1.89 -44.36
N LEU B 211 -8.96 0.67 -43.82
CA LEU B 211 -9.84 0.37 -42.69
C LEU B 211 -9.59 1.32 -41.55
N VAL B 212 -8.32 1.54 -41.22
CA VAL B 212 -8.04 2.40 -40.09
C VAL B 212 -8.42 3.84 -40.42
N THR B 213 -8.32 4.23 -41.69
CA THR B 213 -8.60 5.60 -42.09
C THR B 213 -10.10 5.87 -42.12
N ILE B 214 -10.91 4.88 -42.52
CA ILE B 214 -12.35 5.10 -42.52
C ILE B 214 -13.09 4.74 -41.24
N TYR B 215 -12.44 4.08 -40.30
CA TYR B 215 -13.16 3.50 -39.17
C TYR B 215 -13.91 4.59 -38.37
N ALA B 216 -13.22 5.66 -38.01
CA ALA B 216 -13.85 6.69 -37.18
C ALA B 216 -15.18 7.20 -37.76
N ASP B 217 -15.20 7.55 -39.06
CA ASP B 217 -16.39 8.19 -39.64
C ASP B 217 -17.46 7.23 -40.09
N TYR B 218 -17.09 6.04 -40.53
CA TYR B 218 -17.98 5.19 -41.29
C TYR B 218 -18.31 3.85 -40.64
N ILE B 219 -17.53 3.38 -39.69
CA ILE B 219 -17.81 2.11 -39.01
C ILE B 219 -18.19 2.33 -37.54
N ALA B 220 -17.32 3.00 -36.78
CA ALA B 220 -17.61 3.28 -35.36
C ALA B 220 -19.00 3.84 -35.09
N PRO B 221 -19.55 4.79 -35.86
CA PRO B 221 -20.87 5.34 -35.50
C PRO B 221 -22.02 4.38 -35.73
N LEU B 222 -21.79 3.25 -36.39
CA LEU B 222 -22.80 2.21 -36.46
C LEU B 222 -23.05 1.54 -35.10
N PHE B 223 -22.06 1.59 -34.23
CA PHE B 223 -22.09 0.84 -32.96
C PHE B 223 -22.11 1.70 -31.70
N ASP B 224 -21.84 2.99 -31.80
CA ASP B 224 -21.78 3.83 -30.62
C ASP B 224 -22.16 5.25 -30.98
N LYS B 225 -22.63 5.97 -29.98
CA LYS B 225 -23.04 7.37 -30.16
C LYS B 225 -21.88 8.28 -29.78
N PHE B 226 -21.48 9.15 -30.70
CA PHE B 226 -20.42 10.10 -30.45
C PHE B 226 -21.02 11.50 -30.48
N THR B 227 -20.62 12.37 -29.56
CA THR B 227 -21.11 13.74 -29.49
C THR B 227 -19.96 14.65 -29.14
N PRO B 228 -19.97 15.90 -29.61
CA PRO B 228 -18.89 16.83 -29.26
C PRO B 228 -18.87 17.09 -27.78
N LEU B 229 -17.67 17.26 -27.24
CA LEU B 229 -17.50 17.62 -25.86
C LEU B 229 -18.16 18.99 -25.68
N PRO B 230 -18.95 19.21 -24.64
CA PRO B 230 -19.62 20.52 -24.50
C PRO B 230 -18.62 21.62 -24.14
N GLU B 231 -18.99 22.84 -24.50
CA GLU B 231 -18.16 23.98 -24.15
C GLU B 231 -18.05 24.03 -22.64
N GLY B 232 -16.85 24.31 -22.16
CA GLY B 232 -16.65 24.53 -20.75
C GLY B 232 -15.17 24.57 -20.44
N LYS B 233 -14.87 24.48 -19.14
CA LYS B 233 -13.49 24.56 -18.67
C LYS B 233 -12.61 23.40 -19.14
N LEU B 234 -13.17 22.18 -19.24
CA LEU B 234 -12.34 21.05 -19.70
C LEU B 234 -12.00 21.19 -21.18
N LYS B 235 -12.98 21.52 -22.01
CA LYS B 235 -12.67 21.69 -23.43
C LYS B 235 -11.52 22.66 -23.66
N GLU B 236 -11.46 23.74 -22.88
CA GLU B 236 -10.44 24.74 -23.13
C GLU B 236 -9.07 24.31 -22.62
N GLU B 237 -9.00 23.63 -21.48
CA GLU B 237 -7.69 23.19 -21.02
C GLU B 237 -7.09 22.12 -21.93
N ILE B 238 -7.94 21.28 -22.51
CA ILE B 238 -7.45 20.29 -23.49
C ILE B 238 -6.78 20.99 -24.68
N GLU B 239 -7.43 22.04 -25.19
CA GLU B 239 -6.89 22.83 -26.30
C GLU B 239 -5.54 23.46 -25.95
N VAL B 240 -5.46 24.06 -24.76
CA VAL B 240 -4.19 24.61 -24.28
C VAL B 240 -3.11 23.54 -24.26
N MET B 241 -3.41 22.40 -23.62
CA MET B 241 -2.41 21.35 -23.53
C MET B 241 -1.98 20.88 -24.92
N ALA B 242 -2.94 20.66 -25.82
CA ALA B 242 -2.61 20.18 -27.15
C ALA B 242 -1.68 21.15 -27.88
N LYS B 243 -2.02 22.44 -27.88
CA LYS B 243 -1.09 23.45 -28.40
C LYS B 243 0.28 23.32 -27.74
N SER B 244 0.31 23.28 -26.41
CA SER B 244 1.57 23.24 -25.69
C SER B 244 2.54 22.20 -26.23
N ILE B 245 2.05 21.10 -26.80
CA ILE B 245 2.92 20.06 -27.34
C ILE B 245 2.85 20.01 -28.85
N ASP B 246 2.29 21.02 -29.50
CA ASP B 246 2.17 21.03 -30.94
C ASP B 246 1.28 19.91 -31.43
N PHE B 247 0.36 19.43 -30.60
CA PHE B 247 -0.57 18.43 -31.06
C PHE B 247 -1.66 19.14 -31.85
N PRO B 248 -1.85 18.81 -33.15
CA PRO B 248 -2.86 19.48 -34.00
C PRO B 248 -4.28 19.03 -33.68
N LEU B 249 -4.70 19.26 -32.44
CA LEU B 249 -6.04 18.88 -32.03
C LEU B 249 -7.10 19.49 -32.92
N THR B 250 -8.05 18.66 -33.33
CA THR B 250 -9.14 19.10 -34.18
C THR B 250 -10.46 19.20 -33.39
N LYS B 251 -11.03 18.09 -32.95
CA LYS B 251 -12.29 18.09 -32.23
C LYS B 251 -12.19 17.08 -31.09
N VAL B 252 -12.88 17.38 -29.99
CA VAL B 252 -12.96 16.46 -28.86
C VAL B 252 -14.39 15.92 -28.85
N TYR B 253 -14.49 14.61 -28.82
CA TYR B 253 -15.78 13.91 -28.81
C TYR B 253 -15.86 13.10 -27.52
N VAL B 254 -17.11 12.82 -27.12
CA VAL B 254 -17.44 11.94 -26.02
C VAL B 254 -18.25 10.81 -26.62
N VAL B 255 -17.82 9.58 -26.34
CA VAL B 255 -18.54 8.39 -26.77
C VAL B 255 -19.38 7.92 -25.60
N GLU B 256 -20.66 7.65 -25.88
CA GLU B 256 -21.59 7.27 -24.83
C GLU B 256 -21.40 5.78 -24.53
N GLY B 257 -20.24 5.46 -23.94
CA GLY B 257 -19.98 4.11 -23.44
C GLY B 257 -21.00 3.60 -22.44
N SER B 258 -21.57 4.50 -21.64
CA SER B 258 -22.61 4.18 -20.67
C SER B 258 -23.86 3.53 -21.28
N LYS B 259 -24.04 3.59 -22.59
CA LYS B 259 -25.09 2.76 -23.22
C LYS B 259 -24.82 1.29 -23.04
N ARG B 260 -23.56 0.91 -22.85
CA ARG B 260 -23.15 -0.49 -22.69
C ARG B 260 -22.81 -0.83 -21.25
N SER B 261 -22.07 0.02 -20.56
CA SER B 261 -21.32 -0.35 -19.38
C SER B 261 -20.92 0.92 -18.63
N SER B 262 -20.79 0.83 -17.30
CA SER B 262 -20.21 1.97 -16.58
C SER B 262 -18.69 1.95 -16.53
N HIS B 263 -18.06 0.89 -17.04
CA HIS B 263 -16.61 0.83 -17.15
C HIS B 263 -16.10 2.06 -17.89
N SER B 264 -14.86 2.45 -17.58
CA SER B 264 -14.24 3.60 -18.22
C SER B 264 -12.95 3.20 -18.92
N ASN B 265 -12.56 3.96 -19.94
CA ASN B 265 -11.32 3.70 -20.65
C ASN B 265 -11.07 4.77 -21.70
N ALA B 266 -9.88 5.36 -21.66
CA ALA B 266 -9.51 6.41 -22.61
C ALA B 266 -8.83 5.83 -23.85
N TYR B 267 -9.14 6.40 -25.00
CA TYR B 267 -8.56 5.94 -26.27
C TYR B 267 -7.34 6.76 -26.64
N PHE B 268 -6.61 6.31 -27.66
CA PHE B 268 -5.41 7.02 -28.11
C PHE B 268 -5.78 8.17 -29.03
N LYS B 275 -5.31 14.97 -34.97
CA LYS B 275 -6.42 14.05 -35.11
C LYS B 275 -7.46 14.40 -34.03
N ARG B 276 -8.40 13.49 -33.83
CA ARG B 276 -9.46 13.64 -32.85
C ARG B 276 -9.08 13.04 -31.51
N ILE B 277 -9.67 13.57 -30.46
CA ILE B 277 -9.64 12.94 -29.15
C ILE B 277 -11.05 12.42 -28.86
N VAL B 278 -11.14 11.18 -28.41
CA VAL B 278 -12.42 10.59 -27.97
C VAL B 278 -12.30 10.21 -26.50
N LEU B 279 -13.27 10.62 -25.68
CA LEU B 279 -13.28 10.33 -24.25
C LEU B 279 -14.57 9.60 -23.94
N PHE B 280 -14.47 8.50 -23.20
CA PHE B 280 -15.66 7.87 -22.63
C PHE B 280 -16.36 8.82 -21.68
N ASP B 281 -17.71 8.81 -21.71
CA ASP B 281 -18.50 9.65 -20.84
C ASP B 281 -18.39 9.18 -19.38
N THR B 282 -18.18 7.89 -19.17
CA THR B 282 -17.92 7.31 -17.86
C THR B 282 -16.55 7.71 -17.30
N LEU B 283 -15.70 8.32 -18.10
CA LEU B 283 -14.46 8.82 -17.54
C LEU B 283 -14.65 10.21 -16.94
N GLY B 323 -16.15 8.63 -12.65
CA GLY B 323 -15.39 9.55 -13.45
C GLY B 323 -14.39 10.34 -12.65
N CYS B 324 -13.60 11.11 -13.39
CA CYS B 324 -12.51 11.91 -12.85
C CYS B 324 -12.82 13.39 -13.00
N LYS B 325 -12.40 14.19 -12.01
CA LYS B 325 -12.53 15.62 -12.20
C LYS B 325 -11.59 16.08 -13.32
N ASN B 326 -11.76 17.34 -13.73
CA ASN B 326 -11.17 17.84 -14.97
C ASN B 326 -9.66 17.73 -14.95
N GLU B 327 -9.04 18.03 -13.80
CA GLU B 327 -7.58 18.01 -13.80
C GLU B 327 -7.05 16.59 -13.94
N GLU B 328 -7.88 15.61 -13.60
CA GLU B 328 -7.45 14.24 -13.75
C GLU B 328 -7.62 13.78 -15.18
N VAL B 329 -8.69 14.19 -15.85
CA VAL B 329 -8.88 13.84 -17.25
C VAL B 329 -7.72 14.36 -18.08
N LEU B 330 -7.16 15.47 -17.66
CA LEU B 330 -6.13 16.16 -18.40
C LEU B 330 -4.81 15.45 -18.28
N ALA B 331 -4.54 14.91 -17.09
CA ALA B 331 -3.31 14.16 -16.90
C ALA B 331 -3.32 12.85 -17.67
N VAL B 332 -4.49 12.21 -17.77
CA VAL B 332 -4.70 11.00 -18.53
C VAL B 332 -4.56 11.30 -20.02
N LEU B 333 -5.10 12.43 -20.45
CA LEU B 333 -4.82 12.89 -21.80
C LEU B 333 -3.33 13.17 -21.97
N GLY B 334 -2.70 13.82 -21.01
CA GLY B 334 -1.26 13.98 -21.08
C GLY B 334 -0.56 12.67 -21.38
N HIS B 335 -0.93 11.61 -20.66
CA HIS B 335 -0.40 10.27 -20.90
C HIS B 335 -0.69 9.80 -22.31
N GLU B 336 -1.96 9.87 -22.70
CA GLU B 336 -2.37 9.45 -24.04
C GLU B 336 -1.50 10.13 -25.10
N LEU B 337 -1.39 11.45 -25.01
CA LEU B 337 -0.60 12.22 -25.94
C LEU B 337 0.87 11.87 -25.88
N GLY B 338 1.34 11.32 -24.77
CA GLY B 338 2.69 10.79 -24.74
C GLY B 338 2.90 9.65 -25.73
N HIS B 339 1.88 8.82 -25.95
CA HIS B 339 2.02 7.77 -26.94
C HIS B 339 2.24 8.38 -28.33
N TRP B 340 1.73 9.58 -28.55
CA TRP B 340 1.90 10.25 -29.83
C TRP B 340 3.27 10.93 -29.92
N LYS B 341 3.61 11.76 -28.94
CA LYS B 341 4.88 12.48 -28.98
C LYS B 341 6.06 11.54 -29.00
N LEU B 342 5.98 10.43 -28.27
CA LEU B 342 7.12 9.51 -28.20
C LEU B 342 7.14 8.54 -29.38
N GLY B 343 6.15 8.60 -30.27
CA GLY B 343 6.14 7.79 -31.48
C GLY B 343 5.82 6.33 -31.24
N HIS B 344 5.18 6.01 -30.11
CA HIS B 344 4.83 4.63 -29.81
C HIS B 344 3.88 4.05 -30.85
N THR B 345 2.92 4.87 -31.29
CA THR B 345 1.96 4.40 -32.28
C THR B 345 2.65 4.07 -33.59
N VAL B 346 3.70 4.81 -33.92
CA VAL B 346 4.38 4.56 -35.18
C VAL B 346 5.21 3.31 -35.07
N LYS B 347 5.82 3.11 -33.91
CA LYS B 347 6.60 1.90 -33.65
C LYS B 347 5.71 0.67 -33.72
N ASN B 348 4.48 0.74 -33.16
CA ASN B 348 3.58 -0.40 -33.23
C ASN B 348 3.17 -0.73 -34.65
N ILE B 349 2.96 0.30 -35.49
CA ILE B 349 2.57 0.07 -36.87
C ILE B 349 3.70 -0.59 -37.62
N ILE B 350 4.92 -0.11 -37.40
CA ILE B 350 6.08 -0.69 -38.08
C ILE B 350 6.27 -2.13 -37.64
N ILE B 351 6.15 -2.40 -36.34
CA ILE B 351 6.32 -3.77 -35.88
C ILE B 351 5.30 -4.67 -36.56
N SER B 352 4.04 -4.24 -36.61
CA SER B 352 3.01 -5.12 -37.15
C SER B 352 3.21 -5.40 -38.63
N GLN B 353 3.72 -4.41 -39.38
CA GLN B 353 3.92 -4.65 -40.81
C GLN B 353 5.20 -5.43 -41.09
N MET B 354 6.24 -5.26 -40.27
CA MET B 354 7.40 -6.12 -40.41
C MET B 354 7.03 -7.55 -40.09
N ASN B 355 6.24 -7.75 -39.04
CA ASN B 355 5.78 -9.08 -38.70
C ASN B 355 4.93 -9.65 -39.82
N SER B 356 4.06 -8.82 -40.39
CA SER B 356 3.22 -9.31 -41.48
C SER B 356 4.08 -9.71 -42.68
N PHE B 357 5.14 -8.95 -42.93
CA PHE B 357 6.02 -9.29 -44.04
C PHE B 357 6.71 -10.62 -43.79
N LEU B 358 7.17 -10.83 -42.58
CA LEU B 358 7.92 -12.03 -42.24
C LEU B 358 7.04 -13.27 -42.35
N CYS B 359 5.81 -13.17 -41.88
CA CYS B 359 4.89 -14.30 -41.95
C CYS B 359 4.48 -14.65 -43.38
N PHE B 360 4.27 -13.62 -44.23
CA PHE B 360 3.93 -13.91 -45.63
C PHE B 360 5.12 -14.54 -46.35
N PHE B 361 6.34 -14.09 -46.03
CA PHE B 361 7.52 -14.72 -46.59
C PHE B 361 7.59 -16.20 -46.17
N LEU B 362 7.47 -16.48 -44.88
CA LEU B 362 7.55 -17.86 -44.41
C LEU B 362 6.38 -18.69 -44.91
N PHE B 363 5.22 -18.08 -45.03
CA PHE B 363 4.11 -18.78 -45.68
C PHE B 363 4.50 -19.23 -47.08
N ALA B 364 5.20 -18.35 -47.82
CA ALA B 364 5.62 -18.67 -49.17
C ALA B 364 6.59 -19.84 -49.17
N VAL B 365 7.58 -19.83 -48.26
CA VAL B 365 8.45 -20.98 -48.07
C VAL B 365 7.67 -22.26 -47.80
N LEU B 366 6.65 -22.21 -46.94
CA LEU B 366 6.06 -23.44 -46.43
C LEU B 366 4.88 -23.94 -47.21
N ILE B 367 4.29 -23.13 -48.06
CA ILE B 367 2.98 -23.53 -48.54
C ILE B 367 3.00 -24.62 -49.58
N GLY B 368 4.14 -24.87 -50.22
CA GLY B 368 4.28 -26.04 -51.08
C GLY B 368 4.39 -27.38 -50.33
N ARG B 369 4.58 -27.37 -49.00
CA ARG B 369 4.83 -28.63 -48.28
C ARG B 369 3.51 -29.37 -48.05
N LYS B 370 3.23 -30.35 -48.89
CA LYS B 370 1.97 -31.11 -48.82
C LYS B 370 1.80 -31.89 -47.52
N GLU B 371 2.87 -32.13 -46.76
CA GLU B 371 2.71 -32.80 -45.47
C GLU B 371 1.99 -31.93 -44.46
N LEU B 372 2.08 -30.58 -44.61
CA LEU B 372 1.43 -29.67 -43.67
C LEU B 372 -0.08 -29.80 -43.75
N PHE B 373 -0.57 -29.99 -44.96
CA PHE B 373 -1.98 -30.20 -45.22
C PHE B 373 -2.43 -31.56 -44.76
N ALA B 374 -1.61 -32.58 -44.99
CA ALA B 374 -2.04 -33.93 -44.67
C ALA B 374 -2.15 -34.07 -43.16
N ALA B 375 -1.25 -33.42 -42.42
CA ALA B 375 -1.35 -33.37 -40.98
C ALA B 375 -2.76 -33.07 -40.52
N PHE B 376 -3.52 -32.24 -41.25
CA PHE B 376 -4.81 -31.79 -40.77
C PHE B 376 -5.98 -32.32 -41.59
N GLY B 377 -5.79 -33.46 -42.23
CA GLY B 377 -6.90 -34.11 -42.92
C GLY B 377 -7.17 -33.61 -44.34
N PHE B 378 -6.24 -32.88 -44.96
CA PHE B 378 -6.41 -32.45 -46.38
C PHE B 378 -5.49 -33.31 -47.23
N TYR B 379 -6.05 -34.39 -47.76
CA TYR B 379 -5.26 -35.32 -48.54
C TYR B 379 -5.37 -35.07 -50.03
N ASP B 380 -6.59 -34.92 -50.54
CA ASP B 380 -6.83 -34.82 -51.98
C ASP B 380 -6.67 -33.41 -52.54
N SER B 381 -6.49 -32.39 -51.72
CA SER B 381 -6.47 -30.99 -52.15
C SER B 381 -5.70 -30.14 -51.14
N GLN B 382 -5.25 -28.98 -51.61
CA GLN B 382 -4.47 -28.06 -50.79
C GLN B 382 -5.00 -26.63 -50.94
N PRO B 383 -6.23 -26.40 -50.49
CA PRO B 383 -6.83 -25.07 -50.66
C PRO B 383 -5.98 -23.97 -50.02
N THR B 384 -5.86 -22.86 -50.73
CA THR B 384 -5.02 -21.76 -50.28
C THR B 384 -5.41 -21.25 -48.89
N LEU B 385 -6.71 -21.16 -48.62
CA LEU B 385 -7.18 -20.60 -47.38
C LEU B 385 -6.86 -21.53 -46.23
N ILE B 386 -7.11 -22.84 -46.44
CA ILE B 386 -6.72 -23.86 -45.49
C ILE B 386 -5.23 -23.75 -45.23
N GLY B 387 -4.45 -23.53 -46.28
CA GLY B 387 -3.02 -23.26 -46.08
C GLY B 387 -2.75 -22.11 -45.14
N LEU B 388 -3.44 -20.97 -45.33
CA LEU B 388 -3.22 -19.83 -44.46
C LEU B 388 -3.56 -20.19 -43.03
N LEU B 389 -4.71 -20.82 -42.84
CA LEU B 389 -5.17 -21.27 -41.54
C LEU B 389 -4.13 -22.12 -40.82
N ILE B 390 -3.58 -23.14 -41.52
CA ILE B 390 -2.69 -24.09 -40.87
C ILE B 390 -1.37 -23.43 -40.53
N ILE B 391 -0.83 -22.67 -41.46
CA ILE B 391 0.51 -22.08 -41.25
C ILE B 391 0.45 -20.93 -40.24
N PHE B 392 -0.49 -19.99 -40.41
CA PHE B 392 -0.53 -18.81 -39.55
C PHE B 392 -0.96 -19.15 -38.12
N GLN B 393 -2.00 -20.01 -37.96
CA GLN B 393 -2.54 -20.37 -36.65
C GLN B 393 -1.85 -21.57 -36.00
N PHE B 394 -1.51 -22.63 -36.74
CA PHE B 394 -0.94 -23.86 -36.12
C PHE B 394 0.58 -23.85 -36.17
N ILE B 395 1.15 -23.82 -37.37
CA ILE B 395 2.60 -23.92 -37.55
C ILE B 395 3.31 -22.74 -36.91
N PHE B 396 2.78 -21.52 -37.08
CA PHE B 396 3.44 -20.35 -36.50
C PHE B 396 3.19 -20.18 -34.99
N SER B 397 2.36 -21.04 -34.36
CA SER B 397 2.02 -21.11 -32.91
C SER B 397 3.14 -20.66 -31.95
N PRO B 398 4.30 -21.32 -31.95
CA PRO B 398 5.36 -20.89 -31.02
C PRO B 398 5.87 -19.47 -31.26
N TYR B 399 6.02 -19.08 -32.51
CA TYR B 399 6.42 -17.72 -32.80
C TYR B 399 5.34 -16.73 -32.36
N ASN B 400 4.07 -17.03 -32.65
CA ASN B 400 2.99 -16.17 -32.21
C ASN B 400 3.00 -15.97 -30.70
N GLU B 401 3.30 -17.03 -29.93
CA GLU B 401 3.32 -16.91 -28.49
C GLU B 401 4.50 -16.08 -28.04
N VAL B 402 5.68 -16.34 -28.58
CA VAL B 402 6.84 -15.56 -28.17
C VAL B 402 6.60 -14.09 -28.50
N LEU B 403 6.11 -13.80 -29.71
CA LEU B 403 5.87 -12.41 -30.09
C LEU B 403 4.81 -11.75 -29.22
N SER B 404 3.69 -12.43 -28.93
CA SER B 404 2.70 -11.83 -28.04
C SER B 404 3.39 -11.42 -26.76
N PHE B 405 4.16 -12.33 -26.20
CA PHE B 405 4.84 -12.02 -24.95
C PHE B 405 5.78 -10.84 -25.11
N CYS B 406 6.54 -10.80 -26.21
CA CYS B 406 7.44 -9.68 -26.43
C CYS B 406 6.68 -8.37 -26.55
N LEU B 407 5.53 -8.39 -27.20
CA LEU B 407 4.75 -7.15 -27.35
C LEU B 407 4.19 -6.71 -26.02
N THR B 408 3.90 -7.66 -25.12
CA THR B 408 3.38 -7.34 -23.80
C THR B 408 4.43 -6.63 -22.96
N VAL B 409 5.67 -7.11 -23.00
CA VAL B 409 6.76 -6.44 -22.30
C VAL B 409 6.97 -5.04 -22.86
N LEU B 410 7.00 -4.92 -24.18
CA LEU B 410 7.17 -3.61 -24.82
C LEU B 410 6.08 -2.64 -24.39
N SER B 411 4.84 -3.11 -24.45
CA SER B 411 3.69 -2.34 -24.03
C SER B 411 3.85 -1.78 -22.61
N ARG B 412 4.27 -2.61 -21.67
CA ARG B 412 4.54 -2.15 -20.32
C ARG B 412 5.57 -1.02 -20.33
N ARG B 413 6.62 -1.16 -21.15
CA ARG B 413 7.65 -0.13 -21.24
C ARG B 413 7.07 1.18 -21.78
N PHE B 414 6.22 1.10 -22.81
CA PHE B 414 5.60 2.30 -23.36
C PHE B 414 4.69 2.98 -22.35
N GLU B 415 4.01 2.19 -21.53
CA GLU B 415 3.13 2.78 -20.53
C GLU B 415 3.92 3.58 -19.50
N PHE B 416 5.05 3.03 -19.02
CA PHE B 416 5.86 3.81 -18.08
C PHE B 416 6.36 5.10 -18.74
N GLN B 417 6.66 5.04 -20.04
CA GLN B 417 7.17 6.19 -20.75
C GLN B 417 6.08 7.25 -20.95
N ALA B 418 4.85 6.82 -21.22
CA ALA B 418 3.77 7.76 -21.33
C ALA B 418 3.46 8.41 -19.97
N ASP B 419 3.39 7.62 -18.88
CA ASP B 419 3.30 8.20 -17.54
C ASP B 419 4.38 9.26 -17.32
N ALA B 420 5.61 8.95 -17.69
CA ALA B 420 6.73 9.86 -17.48
C ALA B 420 6.59 11.13 -18.33
N PHE B 421 5.98 11.03 -19.50
CA PHE B 421 5.72 12.20 -20.32
C PHE B 421 4.71 13.12 -19.65
N ALA B 422 3.68 12.55 -19.02
CA ALA B 422 2.74 13.36 -18.25
C ALA B 422 3.42 14.00 -17.04
N LYS B 423 4.32 13.25 -16.39
CA LYS B 423 5.14 13.87 -15.35
C LYS B 423 5.88 15.10 -15.89
N LYS B 424 6.45 14.94 -17.09
CA LYS B 424 7.21 16.00 -17.77
C LYS B 424 6.34 17.23 -17.96
N LEU B 425 5.13 17.01 -18.46
CA LEU B 425 4.18 18.09 -18.64
C LEU B 425 3.79 18.77 -17.34
N GLY B 426 4.22 18.26 -16.20
CA GLY B 426 3.84 18.81 -14.91
C GLY B 426 2.59 18.23 -14.30
N LYS B 427 2.20 16.99 -14.63
CA LYS B 427 0.89 16.47 -14.24
C LYS B 427 0.97 15.19 -13.44
N ALA B 428 2.13 14.91 -12.84
CA ALA B 428 2.31 13.67 -12.09
C ALA B 428 1.30 13.54 -10.97
N LYS B 429 1.12 14.60 -10.18
CA LYS B 429 0.18 14.53 -9.06
C LYS B 429 -1.23 14.23 -9.53
N ASP B 430 -1.66 14.82 -10.64
CA ASP B 430 -3.01 14.57 -11.12
C ASP B 430 -3.13 13.20 -11.76
N LEU B 431 -2.06 12.71 -12.38
CA LEU B 431 -2.11 11.37 -12.95
C LEU B 431 -2.14 10.31 -11.85
N TYR B 432 -1.32 10.51 -10.82
CA TYR B 432 -1.37 9.66 -9.64
C TYR B 432 -2.80 9.53 -9.13
N SER B 433 -3.44 10.66 -8.90
CA SER B 433 -4.83 10.69 -8.46
C SER B 433 -5.76 10.00 -9.45
N ALA B 434 -5.58 10.30 -10.74
CA ALA B 434 -6.43 9.73 -11.78
C ALA B 434 -6.37 8.21 -11.78
N LEU B 435 -5.17 7.65 -11.71
CA LEU B 435 -5.05 6.19 -11.78
C LEU B 435 -5.72 5.53 -10.57
N ILE B 436 -5.71 6.17 -9.41
CA ILE B 436 -6.35 5.57 -8.25
C ILE B 436 -7.85 5.56 -8.43
N LYS B 437 -8.42 6.65 -8.91
CA LYS B 437 -9.86 6.78 -9.04
C LYS B 437 -10.42 5.86 -10.15
N LEU B 438 -9.69 5.70 -11.25
CA LEU B 438 -10.12 4.79 -12.29
C LEU B 438 -9.99 3.36 -11.82
N ASN B 439 -8.94 3.06 -11.08
CA ASN B 439 -8.84 1.72 -10.50
C ASN B 439 -10.04 1.40 -9.62
N LYS B 440 -10.53 2.39 -8.84
CA LYS B 440 -11.72 2.24 -8.00
C LYS B 440 -13.01 2.12 -8.82
N ASP B 441 -13.25 3.04 -9.77
CA ASP B 441 -14.47 2.95 -10.57
C ASP B 441 -14.55 1.60 -11.32
N ASN B 442 -13.43 1.06 -11.76
CA ASN B 442 -13.43 -0.19 -12.53
C ASN B 442 -13.20 -1.43 -11.66
N LEU B 443 -13.04 -1.25 -10.34
CA LEU B 443 -12.83 -2.35 -9.39
C LEU B 443 -11.61 -3.18 -9.72
N GLY B 444 -10.52 -2.51 -10.07
CA GLY B 444 -9.25 -3.20 -10.21
C GLY B 444 -8.70 -3.65 -8.87
N PHE B 445 -8.19 -4.88 -8.81
CA PHE B 445 -7.55 -5.41 -7.60
C PHE B 445 -6.05 -5.15 -7.67
N PRO B 446 -5.47 -4.34 -6.78
CA PRO B 446 -4.10 -3.87 -7.02
C PRO B 446 -3.00 -4.72 -6.41
N VAL B 447 -3.25 -6.00 -6.20
CA VAL B 447 -2.17 -6.92 -5.92
C VAL B 447 -2.25 -8.06 -6.92
N SER B 448 -1.11 -8.43 -7.45
CA SER B 448 -1.08 -9.45 -8.48
C SER B 448 0.10 -10.39 -8.23
N ASP B 449 -0.03 -11.61 -8.73
CA ASP B 449 1.12 -12.48 -8.74
C ASP B 449 2.14 -11.99 -9.75
N TRP B 450 3.42 -12.03 -9.37
CA TRP B 450 4.43 -11.44 -10.22
C TRP B 450 4.60 -12.21 -11.54
N LEU B 451 4.36 -13.53 -11.53
CA LEU B 451 4.53 -14.30 -12.73
C LEU B 451 3.35 -14.12 -13.69
N PHE B 452 2.14 -14.17 -13.14
CA PHE B 452 0.93 -13.94 -13.94
C PHE B 452 1.00 -12.55 -14.59
N SER B 453 1.41 -11.54 -13.83
CA SER B 453 1.39 -10.18 -14.34
C SER B 453 2.51 -9.98 -15.37
N MET B 454 3.66 -10.62 -15.18
CA MET B 454 4.71 -10.60 -16.21
C MET B 454 4.21 -11.19 -17.54
N TRP B 455 3.48 -12.29 -17.47
CA TRP B 455 3.04 -12.94 -18.70
C TRP B 455 1.91 -12.19 -19.35
N HIS B 456 1.01 -11.59 -18.58
CA HIS B 456 -0.27 -11.17 -19.14
C HIS B 456 -0.51 -9.66 -19.20
N TYR B 457 0.11 -8.85 -18.33
CA TYR B 457 -0.34 -7.47 -18.15
C TYR B 457 0.33 -6.56 -19.16
N SER B 458 -0.47 -5.88 -19.97
CA SER B 458 0.04 -4.96 -20.97
C SER B 458 0.35 -3.64 -20.27
N HIS B 459 -0.31 -3.42 -19.13
CA HIS B 459 -0.11 -2.22 -18.34
C HIS B 459 0.51 -2.65 -17.01
N PRO B 460 1.57 -1.96 -16.59
CA PRO B 460 2.20 -2.39 -15.33
C PRO B 460 1.26 -2.20 -14.17
N PRO B 461 1.36 -3.04 -13.13
CA PRO B 461 0.46 -2.90 -11.99
C PRO B 461 0.40 -1.48 -11.47
N LEU B 462 -0.78 -1.14 -10.94
CA LEU B 462 -1.05 0.20 -10.46
C LEU B 462 0.02 0.70 -9.51
N LEU B 463 0.44 -0.12 -8.56
CA LEU B 463 1.40 0.33 -7.54
C LEU B 463 2.74 0.69 -8.16
N GLU B 464 3.18 -0.09 -9.15
CA GLU B 464 4.40 0.21 -9.88
C GLU B 464 4.29 1.52 -10.64
N ARG B 465 3.09 1.84 -11.14
CA ARG B 465 2.89 3.10 -11.84
C ARG B 465 2.88 4.28 -10.87
N LEU B 466 2.25 4.10 -9.70
CA LEU B 466 2.25 5.17 -8.70
C LEU B 466 3.66 5.45 -8.15
N GLN B 467 4.44 4.41 -7.88
CA GLN B 467 5.80 4.62 -7.40
C GLN B 467 6.62 5.42 -8.40
N ALA B 468 6.46 5.11 -9.70
CA ALA B 468 7.22 5.77 -10.75
C ALA B 468 6.83 7.25 -10.87
N LEU B 469 5.56 7.57 -10.64
CA LEU B 469 5.15 8.95 -10.71
C LEU B 469 5.63 9.77 -9.52
N LYS B 470 6.17 9.14 -8.47
CA LYS B 470 6.65 9.85 -7.29
C LYS B 470 8.10 10.32 -7.40
ZN ZN C . -5.64 9.02 30.37
C1 RDF D . -1.68 7.16 29.03
O1 RDF D . -2.56 8.19 28.71
C2 RDF D . -0.34 7.44 28.42
O2 RDF D . 0.50 6.28 28.60
C3 RDF D . 0.33 8.63 29.05
O3 RDF D . 1.69 8.75 28.53
C4 RDF D . 0.39 8.50 30.54
O4 RDF D . 0.90 9.77 31.11
C5 RDF D . -0.97 8.21 31.14
O5 RDF D . -1.62 7.03 30.52
C6 RDF D . -0.78 7.95 32.62
P RDF D . -4.18 7.92 28.85
O1P RDF D . -4.52 7.64 30.29
O2P RDF D . -4.90 9.09 28.40
N RDF D . -4.63 6.56 27.88
CA RDF D . -5.79 5.79 28.22
C RDF D . -5.44 4.82 29.34
O RDF D . -6.24 4.61 30.23
CB RDF D . -6.25 4.99 27.00
CG RDF D . -7.21 3.84 27.45
CD1 RDF D . -7.19 2.76 26.43
CD2 RDF D . -8.66 4.40 27.60
N1 RDF D . -4.11 4.12 29.34
CA1 RDF D . -3.78 3.23 30.39
C7 RDF D . -2.22 3.04 30.44
O6 RDF D . -1.46 3.98 30.11
CB1 RDF D . -4.44 1.88 30.13
CG1 RDF D . -3.61 1.08 29.06
CD11 RDF D . -3.51 1.37 27.70
CD21 RDF D . -2.84 -0.03 29.32
NE1 RDF D . -2.70 0.43 27.13
CE2 RDF D . -2.27 -0.43 28.13
CE3 RDF D . -2.58 -0.73 30.51
CZ2 RDF D . -1.43 -1.55 28.11
CZ3 RDF D . -1.74 -1.86 30.49
CH2 RDF D . -1.16 -2.26 29.29
OXT RDF D . -1.71 1.90 30.85
C1 C8E E . 22.65 -0.58 59.90
C2 C8E E . 21.27 -0.27 59.33
C3 C8E E . 20.75 -1.32 58.34
C4 C8E E . 19.22 -1.43 58.43
C5 C8E E . 18.53 -1.62 57.08
C6 C8E E . 19.01 -2.85 56.33
C7 C8E E . 19.30 -2.54 54.84
C8 C8E E . 19.38 -3.81 54.00
O9 C8E E . 19.12 -3.56 52.64
C10 C8E E . 20.08 -4.14 51.75
C11 C8E E . 19.32 -4.45 50.46
O12 C8E E . 20.14 -4.27 49.32
C13 C8E E . 21.00 -5.34 48.99
C14 C8E E . 22.43 -4.78 48.92
O15 C8E E . 22.79 -4.25 50.18
C16 C8E E . 23.19 -5.27 51.07
C17 C8E E . 23.68 -4.68 52.38
O18 C8E E . 22.64 -4.41 53.30
C19 C8E E . 23.11 -4.49 54.62
C20 C8E E . 22.42 -3.45 55.50
O21 C8E E . 23.23 -3.23 56.64
H11 C8E E . 23.02 -1.51 59.49
H12 C8E E . 22.59 -0.66 60.99
H13 C8E E . 23.34 0.23 59.65
H21 C8E E . 20.57 -0.18 60.16
H22 C8E E . 21.31 0.70 58.83
H31 C8E E . 21.03 -1.05 57.33
H32 C8E E . 21.19 -2.29 58.57
H41 C8E E . 18.96 -2.27 59.08
H42 C8E E . 18.83 -0.53 58.90
H51 C8E E . 17.45 -1.71 57.26
H52 C8E E . 18.69 -0.73 56.48
H61 C8E E . 19.93 -3.22 56.79
H62 C8E E . 18.26 -3.64 56.40
H71 C8E E . 18.50 -1.91 54.45
H72 C8E E . 20.22 -1.98 54.76
H81 C8E E . 20.38 -4.25 54.11
H82 C8E E . 18.67 -4.55 54.37
H101 C8E E . 20.90 -3.46 51.56
H102 C8E E . 20.49 -5.07 52.18
H111 C8E E . 18.97 -5.48 50.49
H112 C8E E . 18.46 -3.79 50.39
H131 C8E E . 20.93 -6.13 49.73
H132 C8E E . 20.72 -5.75 48.01
H141 C8E E . 23.13 -5.56 48.65
H142 C8E E . 22.48 -3.99 48.17
H161 C8E E . 22.36 -5.95 51.25
H162 C8E E . 24.00 -5.85 50.61
H171 C8E E . 24.39 -5.38 52.83
H172 C8E E . 24.23 -3.76 52.17
H191 C8E E . 22.91 -5.49 55.02
H192 C8E E . 24.19 -4.33 54.65
H201 C8E E . 22.29 -2.53 54.94
H202 C8E E . 21.44 -3.82 55.81
HO2 C8E E . 22.79 -2.58 57.23
ZN ZN F . -1.05 4.30 -22.33
C1 RDF G . -4.84 1.99 -23.41
O1 RDF G . -4.10 3.10 -23.81
C2 RDF G . -5.74 1.57 -24.54
O2 RDF G . -6.65 0.56 -24.06
C3 RDF G . -4.96 1.03 -25.70
O3 RDF G . -5.91 0.49 -26.69
C4 RDF G . -4.04 -0.06 -25.28
O4 RDF G . -3.19 -0.43 -26.44
C5 RDF G . -3.13 0.37 -24.14
O5 RDF G . -3.91 0.91 -23.00
C6 RDF G . -2.33 -0.83 -23.69
P RDF G . -3.40 4.03 -22.65
O1P RDF G . -2.39 3.21 -21.89
O2P RDF G . -2.73 5.16 -23.26
N RDF G . -4.60 4.60 -21.56
CA RDF G . -4.23 4.95 -20.20
C RDF G . -4.14 3.68 -19.37
O RDF G . -3.26 3.56 -18.54
CB RDF G . -5.30 5.87 -19.61
CG RDF G . -5.16 5.89 -18.05
CD1 RDF G . -6.48 6.26 -17.44
CD2 RDF G . -4.07 6.92 -17.63
N1 RDF G . -5.15 2.57 -19.57
CA1 RDF G . -5.06 1.39 -18.80
C7 RDF G . -5.86 0.23 -19.51
O6 RDF G . -5.93 0.21 -20.78
CB1 RDF G . -5.66 1.64 -17.42
CG1 RDF G . -7.23 1.58 -17.52
CD11 RDF G . -8.06 2.51 -18.12
CD21 RDF G . -8.01 0.56 -17.01
NE1 RDF G . -9.36 2.07 -17.98
CE2 RDF G . -9.33 0.87 -17.29
CE3 RDF G . -7.69 -0.63 -16.32
CZ2 RDF G . -10.35 -0.01 -16.89
CZ3 RDF G . -8.71 -1.50 -15.91
CH2 RDF G . -10.03 -1.19 -16.20
OXT RDF G . -6.43 -0.70 -18.81
C1 C8E H . 1.03 -37.64 -23.69
C2 C8E H . 1.45 -36.22 -23.29
C3 C8E H . 0.43 -35.49 -22.40
C4 C8E H . 1.15 -34.54 -21.43
C5 C8E H . 0.44 -33.21 -21.20
C6 C8E H . -0.99 -33.38 -20.69
C7 C8E H . -1.98 -32.47 -21.45
C8 C8E H . -3.30 -32.33 -20.69
O9 C8E H . -4.00 -31.16 -21.08
C10 C8E H . -5.37 -31.37 -21.36
C11 C8E H . -6.08 -30.07 -21.00
O12 C8E H . -7.17 -29.80 -21.86
C13 C8E H . -8.38 -30.46 -21.59
C14 C8E H . -8.78 -31.23 -22.86
O15 C8E H . -7.79 -32.18 -23.18
C16 C8E H . -7.93 -33.34 -22.39
C17 C8E H . -6.92 -34.39 -22.82
O18 C8E H . -5.65 -34.24 -22.23
C19 C8E H . -4.99 -35.48 -22.11
C20 C8E H . -3.49 -35.30 -22.33
O21 C8E H . -2.95 -36.56 -22.70
H11 C8E H . 0.06 -37.87 -23.26
H12 C8E H . 1.77 -38.35 -23.33
H13 C8E H . 0.96 -37.70 -24.78
H21 C8E H . 2.40 -36.28 -22.76
H22 C8E H . 1.61 -35.63 -24.19
H31 C8E H . -0.26 -34.92 -23.01
H32 C8E H . -0.15 -36.22 -21.83
H41 C8E H . 1.27 -35.05 -20.46
H42 C8E H . 2.15 -34.35 -21.81
H51 C8E H . 1.01 -32.62 -20.48
H52 C8E H . 0.42 -32.67 -22.15
H61 C8E H . -1.30 -34.43 -20.81
H62 C8E H . -1.02 -33.14 -19.63
H71 C8E H . -1.54 -31.49 -21.59
H72 C8E H . -2.18 -32.90 -22.43
H81 C8E H . -3.93 -33.19 -20.89
H82 C8E H . -3.11 -32.29 -19.62
H101 C8E H . -5.51 -31.60 -22.41
H102 C8E H . -5.76 -32.20 -20.76
H111 C8E H . -6.46 -30.13 -19.98
H112 C8E H . -5.37 -29.25 -21.04
H131 C8E H . -8.26 -31.14 -20.76
H132 C8E H . -9.15 -29.73 -21.34
H141 C8E H . -9.73 -31.74 -22.69
H142 C8E H . -8.91 -30.54 -23.69
H161 C8E H . -7.77 -33.09 -21.34
H162 C8E H . -8.94 -33.73 -22.50
H171 C8E H . -7.31 -35.38 -22.56
H172 C8E H . -6.82 -34.37 -23.91
H191 C8E H . -5.17 -35.89 -21.11
H192 C8E H . -5.38 -36.18 -22.84
H201 C8E H . -3.31 -34.59 -23.12
H202 C8E H . -3.01 -34.96 -21.41
HO2 C8E H . -1.98 -36.48 -22.82
#